data_6LLB
#
_entry.id   6LLB
#
_cell.length_a   168.726
_cell.length_b   168.726
_cell.length_c   166.427
_cell.angle_alpha   90.000
_cell.angle_beta   90.000
_cell.angle_gamma   120.000
#
_symmetry.space_group_name_H-M   'P 65 2 2'
#
loop_
_entity.id
_entity.type
_entity.pdbx_description
1 polymer 'MPY-RNase J'
2 polymer "RNA (5'-R(P*AP*AP*AP*AP*AP*A)-3')"
3 non-polymer 'ZINC ION'
4 non-polymer 'SULFATE ION'
5 water water
#
loop_
_entity_poly.entity_id
_entity_poly.type
_entity_poly.pdbx_seq_one_letter_code
_entity_poly.pdbx_strand_id
1 'polypeptide(L)'
;MGSSHHHHHHSSGLVPRGSHMASTEIGIIAVGGYNEMGRNMTAIRVNEDIIIIDMGIRLDRVQIHEDVDTDRMHSLELIE
MGAIPDDTIMNEVNGNVRAIVCTHGHLDHIGAIPKLAHRYAAPIIATPYTTALIKHQIDSERKFGVKNNIVALKAGETLE
ITKDITIEFINTQHSIIDTVFVAIHTPSGAVVYACDFKFDRTPTLGEVPDFDRLKELGKEGVIALITESTNAGRNGKTPS
ELIAHMMLKDVLLGTEESAVGMIVTTFAAHIARVNSIVQFAQEMGRIPVLLGRSMERYVGTAYQLGYIDLPENVEIYGSR
RDIDNALKKIMEAGKDKYLPVMTGHQGEPGAVLGRIANGETPFKVETGDRIIFSANVIPNPMTQANRYALETKLKMKGAR
IYDNVHVSGHAYREDHWELLRMLKPEHVIPAHGTIQMHSEYIQMAEDAGYSLGDTLHLLRNGEELYIEED
;
A,B
2 'polyribonucleotide' AAAAAA C,D
#
# COMPACT_ATOMS: atom_id res chain seq x y z
N SER A 3 72.51 4.69 16.95
CA SER A 3 72.04 3.67 16.01
C SER A 3 70.59 3.95 15.61
N SER A 4 69.73 2.95 15.80
CA SER A 4 68.33 3.09 15.45
C SER A 4 67.67 4.20 16.27
N HIS A 5 66.63 4.82 15.70
CA HIS A 5 65.96 5.93 16.37
C HIS A 5 64.61 6.19 15.73
N HIS A 6 63.68 6.67 16.54
CA HIS A 6 62.41 7.22 16.07
C HIS A 6 61.98 8.31 17.04
N HIS A 7 60.79 8.86 16.84
CA HIS A 7 60.33 9.96 17.66
C HIS A 7 58.82 9.90 17.81
N HIS A 8 58.31 10.69 18.75
CA HIS A 8 56.89 10.75 19.04
C HIS A 8 56.61 12.03 19.79
N HIS A 9 55.42 12.58 19.60
CA HIS A 9 55.02 13.81 20.23
C HIS A 9 54.11 13.43 21.39
N HIS A 10 54.47 13.88 22.59
CA HIS A 10 53.62 13.59 23.75
C HIS A 10 52.61 14.71 23.89
N SER A 11 51.35 14.32 24.04
CA SER A 11 50.24 15.24 24.23
C SER A 11 50.28 15.84 25.63
N SER A 12 49.69 17.02 25.74
CA SER A 12 49.64 17.70 27.02
C SER A 12 48.46 17.18 27.83
N GLY A 13 48.67 17.05 29.14
CA GLY A 13 47.62 16.60 30.03
C GLY A 13 46.82 17.77 30.56
N LEU A 14 46.57 18.77 29.73
CA LEU A 14 45.93 20.01 30.13
C LEU A 14 44.70 20.26 29.27
N VAL A 15 43.77 21.01 29.84
CA VAL A 15 42.47 21.28 29.22
C VAL A 15 42.55 22.51 28.32
N PRO A 16 42.11 22.42 27.05
CA PRO A 16 42.06 23.55 26.12
C PRO A 16 40.82 24.43 26.32
N ALA A 22 33.72 19.43 35.24
CA ALA A 22 33.58 19.90 33.87
C ALA A 22 33.39 18.74 32.89
N SER A 23 33.34 17.52 33.43
CA SER A 23 33.21 16.30 32.65
C SER A 23 31.80 15.73 32.81
N THR A 24 31.10 15.55 31.70
CA THR A 24 29.73 15.03 31.72
C THR A 24 29.75 13.58 31.26
N GLU A 25 29.21 12.70 32.10
CA GLU A 25 29.00 11.30 31.78
C GLU A 25 27.53 11.08 31.43
N ILE A 26 27.26 10.49 30.27
CA ILE A 26 25.91 10.21 29.83
C ILE A 26 25.63 8.73 30.00
N GLY A 27 24.41 8.41 30.43
CA GLY A 27 23.99 7.02 30.53
C GLY A 27 22.68 6.77 29.81
N ILE A 28 22.66 5.79 28.90
CA ILE A 28 21.44 5.38 28.22
C ILE A 28 21.03 4.04 28.82
N ILE A 29 19.91 4.02 29.53
CA ILE A 29 19.44 2.83 30.24
C ILE A 29 18.19 2.32 29.55
N ALA A 30 18.28 1.11 29.01
CA ALA A 30 17.14 0.44 28.38
C ALA A 30 16.39 -0.34 29.45
N VAL A 31 15.16 0.07 29.76
CA VAL A 31 14.36 -0.63 30.75
C VAL A 31 13.36 -1.59 30.10
N GLY A 32 12.60 -1.09 29.12
CA GLY A 32 11.65 -1.94 28.44
C GLY A 32 11.42 -1.47 27.03
N GLY A 33 10.98 -2.40 26.18
CA GLY A 33 10.72 -2.12 24.79
C GLY A 33 11.89 -2.28 23.86
N TYR A 34 13.03 -2.74 24.36
CA TYR A 34 14.18 -3.02 23.51
C TYR A 34 14.25 -4.48 23.08
N ASN A 35 13.56 -5.36 23.78
CA ASN A 35 13.49 -6.78 23.44
C ASN A 35 12.17 -7.17 22.81
N GLU A 36 11.23 -6.24 22.68
CA GLU A 36 9.87 -6.60 22.30
C GLU A 36 9.13 -5.34 21.86
N MET A 37 7.98 -5.56 21.23
CA MET A 37 7.05 -4.47 21.01
C MET A 37 6.24 -4.22 22.27
N GLY A 38 6.23 -2.99 22.74
CA GLY A 38 5.45 -2.61 23.91
C GLY A 38 6.31 -2.37 25.13
N ARG A 39 5.65 -1.93 26.20
CA ARG A 39 6.23 -1.60 27.50
C ARG A 39 7.53 -0.81 27.38
N ASN A 40 7.55 0.18 26.49
CA ASN A 40 8.74 0.99 26.30
C ASN A 40 9.06 1.77 27.56
N MET A 41 10.37 1.88 27.87
CA MET A 41 10.85 2.79 28.90
C MET A 41 12.35 2.98 28.76
N THR A 42 12.78 4.25 28.74
CA THR A 42 14.19 4.58 28.64
C THR A 42 14.54 5.57 29.74
N ALA A 43 15.77 5.47 30.26
CA ALA A 43 16.29 6.44 31.23
C ALA A 43 17.55 7.08 30.67
N ILE A 44 17.62 8.41 30.72
CA ILE A 44 18.78 9.16 30.27
C ILE A 44 19.41 9.84 31.48
N ARG A 45 20.63 9.45 31.82
CA ARG A 45 21.35 9.97 32.97
C ARG A 45 22.41 10.98 32.56
N VAL A 46 22.39 12.14 33.19
CA VAL A 46 23.46 13.14 33.12
C VAL A 46 24.12 13.24 34.49
N ASN A 47 25.15 12.42 34.67
CA ASN A 47 26.08 12.26 35.79
C ASN A 47 25.43 11.72 37.05
N GLU A 48 24.26 12.26 37.40
CA GLU A 48 23.50 11.78 38.55
C GLU A 48 22.04 12.18 38.45
N ASP A 49 21.68 12.93 37.41
CA ASP A 49 20.29 13.29 37.17
C ASP A 49 19.73 12.35 36.12
N ILE A 50 18.46 11.99 36.25
CA ILE A 50 17.86 11.02 35.35
C ILE A 50 16.55 11.57 34.81
N ILE A 51 16.37 11.46 33.49
CA ILE A 51 15.11 11.75 32.82
C ILE A 51 14.57 10.44 32.29
N ILE A 52 13.42 10.02 32.78
CA ILE A 52 12.75 8.84 32.26
C ILE A 52 11.85 9.29 31.12
N ILE A 53 11.81 8.47 30.07
CA ILE A 53 10.96 8.70 28.92
C ILE A 53 10.11 7.45 28.69
N ASP A 54 8.77 7.62 28.71
CA ASP A 54 7.80 6.61 28.32
C ASP A 54 7.66 5.38 29.24
N MET A 55 6.79 5.42 30.24
CA MET A 55 6.38 4.19 30.94
C MET A 55 5.17 3.55 30.26
N GLY A 56 5.43 2.60 29.34
CA GLY A 56 4.39 1.97 28.56
C GLY A 56 4.03 0.54 29.00
N ILE A 57 2.91 0.05 28.45
CA ILE A 57 2.43 -1.31 28.72
C ILE A 57 2.60 -2.16 27.46
N ARG A 58 2.74 -3.48 27.67
CA ARG A 58 2.74 -4.45 26.56
C ARG A 58 1.52 -5.34 26.67
N LEU A 59 0.54 -5.10 25.80
CA LEU A 59 -0.81 -5.63 25.99
C LEU A 59 -0.90 -7.14 25.77
N ASP A 60 -0.13 -7.69 24.83
CA ASP A 60 -0.31 -9.11 24.55
C ASP A 60 0.11 -9.97 25.74
N ARG A 61 1.09 -9.52 26.52
CA ARG A 61 1.45 -10.26 27.71
C ARG A 61 0.33 -10.25 28.75
N VAL A 62 -0.57 -9.28 28.65
CA VAL A 62 -1.80 -9.32 29.44
C VAL A 62 -2.80 -10.28 28.81
N GLN A 63 -2.94 -10.25 27.49
CA GLN A 63 -4.00 -11.01 26.85
C GLN A 63 -3.82 -12.52 26.99
N ILE A 64 -2.58 -13.00 27.18
CA ILE A 64 -2.36 -14.44 27.29
C ILE A 64 -2.79 -15.02 28.63
N HIS A 65 -3.14 -14.18 29.60
CA HIS A 65 -3.68 -14.63 30.88
C HIS A 65 -5.17 -14.39 30.95
N GLU A 66 -5.92 -15.40 31.38
CA GLU A 66 -7.39 -15.35 31.32
C GLU A 66 -7.94 -14.49 32.45
N ASP A 67 -8.82 -13.54 32.09
CA ASP A 67 -9.59 -12.72 33.02
C ASP A 67 -8.70 -12.05 34.06
N VAL A 68 -7.93 -11.07 33.59
CA VAL A 68 -6.91 -10.39 34.37
C VAL A 68 -7.25 -8.90 34.45
N ASP A 69 -7.27 -8.38 35.68
CA ASP A 69 -7.63 -6.98 35.94
C ASP A 69 -6.34 -6.23 36.26
N THR A 70 -5.62 -5.82 35.20
CA THR A 70 -4.38 -5.07 35.37
C THR A 70 -4.54 -3.87 36.30
N ASP A 71 -5.74 -3.28 36.36
CA ASP A 71 -5.94 -2.10 37.20
C ASP A 71 -5.85 -2.41 38.69
N ARG A 72 -6.07 -3.67 39.08
CA ARG A 72 -6.01 -4.08 40.47
C ARG A 72 -4.68 -4.72 40.85
N MET A 73 -3.83 -5.03 39.87
CA MET A 73 -2.60 -5.78 40.11
C MET A 73 -1.46 -4.90 40.59
N HIS A 74 -0.59 -5.48 41.41
CA HIS A 74 0.61 -4.80 41.87
C HIS A 74 1.63 -4.73 40.73
N SER A 75 2.57 -3.79 40.85
CA SER A 75 3.57 -3.59 39.81
C SER A 75 4.47 -4.81 39.66
N LEU A 76 4.68 -5.57 40.74
CA LEU A 76 5.66 -6.65 40.69
C LEU A 76 5.09 -7.85 39.96
N GLU A 77 3.79 -8.10 40.11
CA GLU A 77 3.17 -9.16 39.33
C GLU A 77 3.12 -8.80 37.86
N LEU A 78 2.86 -7.52 37.56
CA LEU A 78 2.85 -7.10 36.16
C LEU A 78 4.24 -7.19 35.54
N ILE A 79 5.28 -6.88 36.32
CA ILE A 79 6.64 -7.04 35.81
C ILE A 79 6.97 -8.51 35.60
N GLU A 80 6.57 -9.37 36.52
CA GLU A 80 6.76 -10.81 36.32
C GLU A 80 6.02 -11.30 35.10
N MET A 81 4.93 -10.64 34.73
CA MET A 81 4.18 -11.02 33.53
C MET A 81 4.91 -10.51 32.27
N GLY A 82 5.74 -9.50 32.40
CA GLY A 82 6.42 -8.97 31.22
C GLY A 82 5.62 -7.87 30.60
N ALA A 83 4.67 -7.34 31.35
CA ALA A 83 3.62 -6.54 30.70
C ALA A 83 3.93 -5.09 31.00
N ILE A 84 5.06 -4.85 31.63
CA ILE A 84 5.40 -3.47 32.02
C ILE A 84 6.90 -3.44 32.25
N PRO A 85 7.56 -2.28 32.12
CA PRO A 85 9.02 -2.25 32.26
C PRO A 85 9.47 -2.68 33.65
N ASP A 86 10.59 -3.41 33.68
CA ASP A 86 11.20 -3.83 34.95
C ASP A 86 12.11 -2.71 35.42
N ASP A 87 11.51 -1.71 36.08
CA ASP A 87 12.29 -0.57 36.54
C ASP A 87 13.02 -0.83 37.83
N THR A 88 12.97 -2.05 38.38
CA THR A 88 13.72 -2.32 39.59
C THR A 88 15.22 -2.19 39.37
N ILE A 89 15.67 -2.35 38.12
CA ILE A 89 17.07 -2.11 37.79
C ILE A 89 17.49 -0.69 38.14
N MET A 90 16.54 0.23 38.23
CA MET A 90 16.85 1.62 38.62
C MET A 90 17.51 1.70 39.98
N ASN A 91 17.36 0.68 40.83
CA ASN A 91 18.01 0.74 42.13
C ASN A 91 19.50 0.49 42.05
N GLU A 92 20.03 0.24 40.86
CA GLU A 92 21.46 0.05 40.66
C GLU A 92 22.04 1.13 39.76
N VAL A 93 21.22 2.05 39.31
CA VAL A 93 21.68 3.19 38.52
C VAL A 93 21.94 4.35 39.45
N ASN A 94 23.07 5.02 39.23
CA ASN A 94 23.61 6.01 40.16
C ASN A 94 23.05 7.38 39.79
N GLY A 95 21.89 7.69 40.35
CA GLY A 95 21.31 8.99 40.09
C GLY A 95 19.89 9.06 40.61
N ASN A 96 19.32 10.26 40.48
CA ASN A 96 17.98 10.54 40.95
C ASN A 96 17.12 10.99 39.79
N VAL A 97 15.94 10.37 39.65
CA VAL A 97 15.02 10.71 38.59
C VAL A 97 14.45 12.10 38.84
N ARG A 98 14.55 12.98 37.85
CA ARG A 98 14.09 14.35 37.98
C ARG A 98 12.86 14.67 37.15
N ALA A 99 12.50 13.82 36.19
CA ALA A 99 11.34 14.07 35.34
C ALA A 99 10.97 12.79 34.63
N ILE A 100 9.67 12.62 34.38
CA ILE A 100 9.16 11.55 33.53
C ILE A 100 8.49 12.21 32.34
N VAL A 101 8.95 11.84 31.14
CA VAL A 101 8.45 12.44 29.91
C VAL A 101 7.78 11.35 29.07
N CYS A 102 6.63 11.68 28.49
CA CYS A 102 5.92 10.77 27.59
C CYS A 102 5.74 11.46 26.25
N THR A 103 6.14 10.77 25.18
CA THR A 103 6.18 11.40 23.88
C THR A 103 4.82 11.49 23.21
N HIS A 104 3.89 10.63 23.61
CA HIS A 104 2.50 10.68 23.12
C HIS A 104 1.67 9.74 23.98
N GLY A 105 0.37 9.70 23.68
CA GLY A 105 -0.62 9.05 24.53
C GLY A 105 -0.94 7.60 24.20
N HIS A 106 -0.19 6.96 23.33
CA HIS A 106 -0.42 5.54 23.10
C HIS A 106 -0.06 4.73 24.34
N LEU A 107 -0.72 3.57 24.49
CA LEU A 107 -0.58 2.80 25.72
C LEU A 107 0.80 2.17 25.85
N ASP A 108 1.49 1.96 24.74
CA ASP A 108 2.84 1.45 24.83
C ASP A 108 3.83 2.53 25.28
N HIS A 109 3.33 3.73 25.57
CA HIS A 109 4.14 4.81 26.13
C HIS A 109 3.65 5.34 27.45
N ILE A 110 2.36 5.23 27.75
CA ILE A 110 1.81 5.73 29.01
C ILE A 110 1.09 4.67 29.84
N GLY A 111 0.94 3.44 29.33
CA GLY A 111 0.10 2.48 30.01
C GLY A 111 0.60 2.06 31.39
N ALA A 112 1.92 2.10 31.60
CA ALA A 112 2.48 1.67 32.87
C ALA A 112 2.68 2.81 33.86
N ILE A 113 2.31 4.04 33.49
CA ILE A 113 2.47 5.18 34.39
C ILE A 113 1.79 4.96 35.74
N PRO A 114 0.51 4.58 35.82
CA PRO A 114 -0.13 4.45 37.13
C PRO A 114 0.43 3.31 37.97
N LYS A 115 1.38 2.54 37.46
CA LYS A 115 2.01 1.48 38.23
C LYS A 115 3.44 1.80 38.63
N LEU A 116 4.10 2.72 37.93
CA LEU A 116 5.51 2.97 38.16
C LEU A 116 5.85 4.42 38.49
N ALA A 117 5.06 5.39 38.03
CA ALA A 117 5.44 6.79 38.18
C ALA A 117 5.47 7.23 39.63
N HIS A 118 4.54 6.70 40.45
CA HIS A 118 4.39 7.21 41.82
C HIS A 118 5.62 6.96 42.69
N ARG A 119 6.51 6.07 42.29
CA ARG A 119 7.70 5.81 43.11
C ARG A 119 8.82 6.79 42.86
N TYR A 120 8.64 7.75 41.96
CA TYR A 120 9.67 8.73 41.61
C TYR A 120 9.21 10.12 42.02
N ALA A 121 10.07 10.83 42.73
CA ALA A 121 9.81 12.22 43.12
C ALA A 121 10.08 13.12 41.93
N ALA A 122 9.14 13.12 40.98
CA ALA A 122 9.38 13.78 39.71
C ALA A 122 8.04 14.07 39.04
N PRO A 123 7.92 15.15 38.29
CA PRO A 123 6.71 15.40 37.52
C PRO A 123 6.65 14.52 36.28
N ILE A 124 5.46 14.49 35.69
CA ILE A 124 5.23 13.82 34.41
C ILE A 124 4.94 14.90 33.38
N ILE A 125 5.78 15.00 32.36
CA ILE A 125 5.73 16.09 31.39
C ILE A 125 5.29 15.55 30.04
N ALA A 126 4.30 16.20 29.43
CA ALA A 126 3.82 15.74 28.13
C ALA A 126 3.04 16.86 27.44
N THR A 127 2.66 16.60 26.19
CA THR A 127 1.81 17.54 25.46
C THR A 127 0.41 17.55 26.06
N PRO A 128 -0.35 18.64 25.83
CA PRO A 128 -1.69 18.75 26.44
C PRO A 128 -2.59 17.53 26.23
N TYR A 129 -2.76 17.08 24.99
CA TYR A 129 -3.58 15.90 24.75
C TYR A 129 -3.03 14.68 25.48
N THR A 130 -1.71 14.52 25.47
CA THR A 130 -1.09 13.41 26.17
C THR A 130 -1.36 13.49 27.67
N THR A 131 -1.31 14.71 28.24
CA THR A 131 -1.58 14.84 29.67
C THR A 131 -3.04 14.52 29.97
N ALA A 132 -3.96 14.91 29.09
CA ALA A 132 -5.34 14.51 29.26
C ALA A 132 -5.48 12.99 29.31
N LEU A 133 -4.82 12.31 28.38
CA LEU A 133 -4.90 10.85 28.34
C LEU A 133 -4.24 10.22 29.57
N ILE A 134 -3.14 10.81 30.04
CA ILE A 134 -2.49 10.32 31.25
C ILE A 134 -3.38 10.50 32.47
N LYS A 135 -4.05 11.65 32.57
CA LYS A 135 -4.98 11.87 33.67
C LYS A 135 -6.11 10.85 33.65
N HIS A 136 -6.60 10.50 32.46
CA HIS A 136 -7.63 9.47 32.39
C HIS A 136 -7.05 8.12 32.83
N GLN A 137 -5.84 7.81 32.38
CA GLN A 137 -5.19 6.55 32.71
C GLN A 137 -5.01 6.41 34.22
N ILE A 138 -4.66 7.50 34.88
CA ILE A 138 -4.45 7.46 36.33
C ILE A 138 -5.79 7.35 37.06
N ASP A 139 -6.82 8.02 36.55
CA ASP A 139 -8.12 8.00 37.23
C ASP A 139 -8.71 6.60 37.29
N SER A 140 -8.43 5.75 36.31
CA SER A 140 -8.94 4.39 36.32
C SER A 140 -8.03 3.41 37.03
N GLU A 141 -6.92 3.87 37.60
CA GLU A 141 -6.06 3.01 38.41
C GLU A 141 -6.69 2.76 39.77
N ARG A 142 -6.58 1.52 40.26
CA ARG A 142 -7.27 1.13 41.49
C ARG A 142 -6.39 0.37 42.48
N LYS A 143 -5.07 0.38 42.33
CA LYS A 143 -4.23 -0.26 43.35
C LYS A 143 -3.15 0.64 43.93
N PHE A 144 -2.63 1.55 43.10
CA PHE A 144 -1.59 2.49 43.49
C PHE A 144 -2.12 3.91 43.51
N GLY A 145 -1.85 4.63 44.61
CA GLY A 145 -2.21 6.03 44.69
C GLY A 145 -1.16 6.90 44.03
N VAL A 146 -1.45 7.33 42.80
CA VAL A 146 -0.52 8.06 41.95
C VAL A 146 -0.81 9.54 42.07
N LYS A 147 0.14 10.31 42.60
CA LYS A 147 -0.07 11.75 42.73
C LYS A 147 1.12 12.54 42.22
N ASN A 148 1.73 12.13 41.11
CA ASN A 148 2.75 12.97 40.51
C ASN A 148 2.07 14.17 39.85
N ASN A 149 2.74 15.32 39.85
CA ASN A 149 2.29 16.37 38.94
C ASN A 149 2.55 16.08 37.50
N ILE A 150 1.56 16.50 36.72
CA ILE A 150 1.49 16.35 35.29
C ILE A 150 1.56 17.76 34.75
N VAL A 151 2.57 18.00 33.93
CA VAL A 151 2.87 19.31 33.39
C VAL A 151 2.68 19.22 31.88
N ALA A 152 1.90 20.13 31.34
CA ALA A 152 1.67 20.21 29.91
C ALA A 152 2.74 21.09 29.30
N LEU A 153 3.47 20.53 28.33
CA LEU A 153 4.48 21.25 27.57
C LEU A 153 4.13 21.09 26.09
N LYS A 154 3.99 22.21 25.39
CA LYS A 154 3.58 22.15 24.00
C LYS A 154 4.80 21.92 23.11
N ALA A 155 4.54 21.45 21.89
CA ALA A 155 5.64 21.25 20.95
C ALA A 155 6.26 22.59 20.61
N GLY A 156 7.58 22.62 20.52
CA GLY A 156 8.31 23.85 20.29
C GLY A 156 8.66 24.63 21.54
N GLU A 157 8.32 24.11 22.73
CA GLU A 157 8.65 24.75 23.99
C GLU A 157 9.75 23.97 24.70
N THR A 158 10.43 24.67 25.60
CA THR A 158 11.51 24.10 26.40
C THR A 158 11.18 24.28 27.88
N LEU A 159 11.70 23.37 28.70
CA LEU A 159 11.47 23.40 30.14
C LEU A 159 12.74 23.02 30.88
N GLU A 160 13.15 23.86 31.82
CA GLU A 160 14.41 23.68 32.54
C GLU A 160 14.18 22.75 33.72
N ILE A 161 14.83 21.58 33.69
CA ILE A 161 14.61 20.57 34.72
C ILE A 161 15.63 20.68 35.84
N THR A 162 16.91 20.84 35.51
CA THR A 162 17.96 21.03 36.51
C THR A 162 18.90 22.11 36.04
N LYS A 163 19.77 22.53 36.96
CA LYS A 163 20.83 23.51 36.69
C LYS A 163 21.52 23.23 35.36
N ASP A 164 21.68 21.95 35.03
CA ASP A 164 22.40 21.55 33.83
C ASP A 164 21.53 20.96 32.73
N ILE A 165 20.24 20.70 32.98
CA ILE A 165 19.45 19.92 32.05
C ILE A 165 18.17 20.65 31.69
N THR A 166 17.91 20.79 30.39
CA THR A 166 16.61 21.27 29.93
C THR A 166 16.02 20.29 28.91
N ILE A 167 14.70 20.35 28.76
CA ILE A 167 13.94 19.45 27.88
C ILE A 167 13.21 20.29 26.85
N GLU A 168 13.34 19.91 25.57
CA GLU A 168 12.70 20.60 24.46
C GLU A 168 11.85 19.61 23.67
N PHE A 169 10.62 20.01 23.36
CA PHE A 169 9.72 19.21 22.54
C PHE A 169 9.76 19.72 21.11
N ILE A 170 9.95 18.81 20.16
CA ILE A 170 9.91 19.13 18.74
C ILE A 170 8.72 18.40 18.12
N ASN A 171 7.91 19.12 17.35
CA ASN A 171 6.71 18.51 16.78
C ASN A 171 7.06 17.50 15.68
N THR A 172 6.37 16.37 15.69
CA THR A 172 6.48 15.38 14.63
C THR A 172 5.08 14.86 14.32
N GLN A 173 5.01 13.92 13.39
CA GLN A 173 3.76 13.31 12.99
C GLN A 173 3.75 11.85 13.37
N HIS A 174 2.55 11.34 13.67
CA HIS A 174 2.38 9.97 14.14
C HIS A 174 0.88 9.67 14.06
N SER A 175 0.53 8.41 14.31
CA SER A 175 -0.86 7.97 14.23
C SER A 175 -1.73 8.53 15.35
N ILE A 176 -1.17 9.31 16.27
CA ILE A 176 -1.95 10.03 17.27
C ILE A 176 -1.43 11.47 17.28
N ILE A 177 -2.35 12.40 17.55
CA ILE A 177 -1.99 13.81 17.54
C ILE A 177 -1.11 14.14 18.74
N ASP A 178 -0.35 15.22 18.61
CA ASP A 178 0.49 15.76 19.68
C ASP A 178 1.60 14.81 20.09
N THR A 179 2.20 14.13 19.12
CA THR A 179 3.44 13.40 19.35
C THR A 179 4.62 14.36 19.17
N VAL A 180 5.69 14.11 19.92
CA VAL A 180 6.88 14.96 19.89
C VAL A 180 8.14 14.11 19.92
N PHE A 181 9.19 14.63 19.28
CA PHE A 181 10.57 14.31 19.62
C PHE A 181 10.92 14.98 20.94
N VAL A 182 11.79 14.33 21.71
CA VAL A 182 12.31 14.91 22.94
C VAL A 182 13.80 15.16 22.77
N ALA A 183 14.24 16.38 23.00
CA ALA A 183 15.65 16.72 23.01
C ALA A 183 16.05 17.15 24.41
N ILE A 184 16.93 16.40 25.03
CA ILE A 184 17.43 16.71 26.38
C ILE A 184 18.72 17.50 26.18
N HIS A 185 18.72 18.79 26.51
CA HIS A 185 19.93 19.62 26.33
C HIS A 185 20.83 19.51 27.53
N THR A 186 22.10 19.20 27.33
CA THR A 186 23.05 19.12 28.46
C THR A 186 24.25 20.02 28.21
N PRO A 187 25.25 19.99 29.09
CA PRO A 187 26.41 20.84 28.95
C PRO A 187 27.26 20.38 27.76
N SER A 188 27.33 19.08 27.52
CA SER A 188 28.18 18.55 26.43
C SER A 188 27.39 18.28 25.15
N GLY A 189 26.13 18.70 25.08
CA GLY A 189 25.35 18.46 23.85
C GLY A 189 24.01 17.82 24.12
N ALA A 190 23.22 17.58 23.08
CA ALA A 190 21.84 17.04 23.20
C ALA A 190 21.74 15.54 23.03
N VAL A 191 20.79 14.94 23.75
CA VAL A 191 20.42 13.52 23.60
C VAL A 191 18.99 13.56 23.07
N VAL A 192 18.76 13.02 21.88
CA VAL A 192 17.48 13.11 21.20
C VAL A 192 16.81 11.74 21.25
N TYR A 193 15.52 11.74 21.62
CA TYR A 193 14.68 10.56 21.70
C TYR A 193 13.56 10.72 20.68
N ALA A 194 13.54 9.81 19.70
CA ALA A 194 12.60 9.85 18.58
C ALA A 194 12.00 8.46 18.41
N CYS A 195 10.97 8.16 19.19
CA CYS A 195 10.32 6.85 19.14
C CYS A 195 8.82 7.04 18.95
N ASP A 196 8.24 6.29 18.00
CA ASP A 196 6.92 6.54 17.45
C ASP A 196 6.85 7.93 16.81
N PHE A 197 7.57 8.06 15.69
CA PHE A 197 7.52 9.24 14.86
C PHE A 197 7.32 8.84 13.41
N LYS A 198 6.98 9.84 12.60
CA LYS A 198 6.83 9.64 11.16
C LYS A 198 6.91 11.00 10.48
N PHE A 199 7.73 11.08 9.44
CA PHE A 199 7.73 12.24 8.58
C PHE A 199 6.48 12.22 7.70
N ASP A 200 5.77 13.34 7.67
CA ASP A 200 4.56 13.43 6.84
C ASP A 200 4.47 14.87 6.36
N ARG A 201 4.83 15.09 5.09
CA ARG A 201 4.83 16.43 4.53
C ARG A 201 3.43 16.95 4.23
N THR A 202 2.42 16.09 4.23
CA THR A 202 1.02 16.49 4.00
C THR A 202 0.11 15.79 4.99
N PRO A 203 0.22 16.10 6.28
CA PRO A 203 -0.68 15.50 7.25
C PRO A 203 -2.04 16.18 7.20
N THR A 204 -3.07 15.41 7.53
CA THR A 204 -4.40 15.99 7.54
C THR A 204 -4.71 16.71 8.85
N LEU A 205 -3.87 16.56 9.87
CA LEU A 205 -4.06 17.19 11.16
C LEU A 205 -2.70 17.50 11.76
N GLY A 206 -2.58 18.64 12.43
CA GLY A 206 -1.31 19.06 12.97
C GLY A 206 -0.45 19.78 11.95
N GLU A 207 0.81 19.97 12.31
CA GLU A 207 1.77 20.66 11.46
C GLU A 207 2.82 19.69 10.92
N VAL A 208 3.49 20.12 9.86
CA VAL A 208 4.58 19.33 9.28
C VAL A 208 5.75 19.29 10.25
N PRO A 209 6.39 18.14 10.47
CA PRO A 209 7.52 18.08 11.41
C PRO A 209 8.53 19.18 11.16
N ASP A 210 9.19 19.60 12.24
CA ASP A 210 10.06 20.78 12.25
C ASP A 210 11.43 20.37 11.71
N PHE A 211 11.53 20.29 10.39
CA PHE A 211 12.80 19.90 9.76
C PHE A 211 13.88 20.94 10.04
N ASP A 212 13.52 22.22 10.09
CA ASP A 212 14.51 23.26 10.35
C ASP A 212 15.16 23.06 11.72
N ARG A 213 14.35 22.83 12.74
CA ARG A 213 14.90 22.63 14.07
C ARG A 213 15.73 21.36 14.14
N LEU A 214 15.33 20.32 13.40
CA LEU A 214 16.13 19.09 13.38
C LEU A 214 17.51 19.35 12.78
N LYS A 215 17.57 20.13 11.69
CA LYS A 215 18.88 20.48 11.12
C LYS A 215 19.69 21.34 12.09
N GLU A 216 19.03 22.30 12.73
CA GLU A 216 19.72 23.15 13.70
C GLU A 216 20.29 22.32 14.82
N LEU A 217 19.53 21.35 15.32
CA LEU A 217 20.00 20.45 16.36
C LEU A 217 21.21 19.67 15.89
N GLY A 218 21.13 19.10 14.69
CA GLY A 218 22.25 18.35 14.17
C GLY A 218 23.53 19.17 14.14
N LYS A 219 23.39 20.45 13.80
CA LYS A 219 24.58 21.29 13.74
C LYS A 219 25.01 21.84 15.11
N GLU A 220 24.08 21.94 16.06
CA GLU A 220 24.45 22.39 17.40
C GLU A 220 25.16 21.30 18.19
N GLY A 221 24.90 20.03 17.87
CA GLY A 221 25.56 18.94 18.52
C GLY A 221 24.61 18.00 19.23
N VAL A 222 24.50 16.78 18.71
CA VAL A 222 23.69 15.72 19.31
C VAL A 222 24.64 14.60 19.71
N ILE A 223 24.71 14.33 21.02
CA ILE A 223 25.56 13.25 21.51
C ILE A 223 24.99 11.89 21.10
N ALA A 224 23.68 11.73 21.19
CA ALA A 224 23.06 10.44 20.99
C ALA A 224 21.64 10.62 20.52
N LEU A 225 21.24 9.76 19.59
CA LEU A 225 19.86 9.65 19.13
C LEU A 225 19.33 8.28 19.51
N ILE A 226 18.26 8.26 20.29
CA ILE A 226 17.52 7.03 20.58
C ILE A 226 16.27 7.06 19.72
N THR A 227 16.11 6.05 18.86
CA THR A 227 15.08 6.14 17.83
C THR A 227 14.40 4.79 17.63
N GLU A 228 13.13 4.85 17.25
CA GLU A 228 12.39 3.62 17.01
C GLU A 228 12.90 2.93 15.76
N SER A 229 12.84 1.60 15.79
CA SER A 229 13.28 0.76 14.68
C SER A 229 12.12 0.05 14.02
N THR A 230 10.88 0.45 14.35
CA THR A 230 9.71 -0.38 14.12
C THR A 230 9.54 -0.78 12.66
N ASN A 231 9.69 0.17 11.74
CA ASN A 231 9.55 -0.12 10.33
C ASN A 231 10.84 0.15 9.55
N ALA A 232 11.98 0.15 10.23
CA ALA A 232 13.25 0.39 9.55
C ALA A 232 13.55 -0.67 8.49
N GLY A 233 12.85 -1.79 8.52
CA GLY A 233 12.96 -2.83 7.52
C GLY A 233 12.03 -2.65 6.34
N ARG A 234 11.20 -1.62 6.36
CA ARG A 234 10.34 -1.29 5.23
C ARG A 234 11.09 -0.32 4.33
N ASN A 235 11.27 -0.69 3.07
CA ASN A 235 12.07 0.14 2.18
C ASN A 235 11.31 1.41 1.79
N GLY A 236 12.08 2.44 1.47
CA GLY A 236 11.49 3.69 1.01
C GLY A 236 11.09 4.59 2.16
N LYS A 237 10.02 5.35 1.93
CA LYS A 237 9.52 6.29 2.92
C LYS A 237 8.05 5.99 3.19
N THR A 238 7.63 6.30 4.41
CA THR A 238 6.25 6.04 4.82
C THR A 238 5.28 6.82 3.95
N PRO A 239 4.21 6.20 3.46
CA PRO A 239 3.17 6.97 2.79
C PRO A 239 2.49 7.92 3.77
N SER A 240 2.14 9.09 3.26
CA SER A 240 1.52 10.12 4.08
C SER A 240 0.12 9.71 4.52
N GLU A 241 -0.34 10.32 5.61
CA GLU A 241 -1.73 10.13 6.04
C GLU A 241 -2.71 10.58 4.96
N LEU A 242 -2.30 11.49 4.09
CA LEU A 242 -3.14 11.87 2.96
C LEU A 242 -3.48 10.68 2.08
N ILE A 243 -2.56 9.70 2.00
CA ILE A 243 -2.83 8.51 1.20
C ILE A 243 -3.97 7.71 1.81
N ALA A 244 -3.95 7.54 3.14
CA ALA A 244 -5.06 6.86 3.81
C ALA A 244 -6.34 7.65 3.64
N HIS A 245 -6.25 8.98 3.75
CA HIS A 245 -7.41 9.83 3.52
C HIS A 245 -8.02 9.58 2.15
N MET A 246 -7.18 9.52 1.10
CA MET A 246 -7.71 9.39 -0.26
C MET A 246 -8.22 7.98 -0.54
N MET A 247 -7.56 6.96 0.00
CA MET A 247 -8.07 5.60 -0.15
C MET A 247 -9.42 5.46 0.54
N LEU A 248 -9.57 6.06 1.72
CA LEU A 248 -10.85 6.03 2.42
C LEU A 248 -11.90 6.80 1.64
N LYS A 249 -11.53 7.96 1.08
CA LYS A 249 -12.46 8.72 0.26
C LYS A 249 -12.98 7.89 -0.90
N ASP A 250 -12.09 7.15 -1.55
CA ASP A 250 -12.51 6.36 -2.71
C ASP A 250 -13.38 5.19 -2.29
N VAL A 251 -13.03 4.51 -1.18
CA VAL A 251 -13.85 3.40 -0.70
C VAL A 251 -15.25 3.89 -0.33
N LEU A 252 -15.34 5.03 0.35
CA LEU A 252 -16.62 5.49 0.88
C LEU A 252 -17.48 6.13 -0.21
N LEU A 253 -16.88 6.87 -1.13
CA LEU A 253 -17.61 7.64 -2.13
C LEU A 253 -17.63 7.00 -3.50
N GLY A 254 -16.53 6.35 -3.90
CA GLY A 254 -16.43 5.76 -5.22
C GLY A 254 -17.08 4.40 -5.38
N THR A 255 -18.40 4.37 -5.48
CA THR A 255 -19.11 3.11 -5.59
C THR A 255 -20.45 3.34 -6.28
N GLU A 256 -20.91 2.34 -7.02
CA GLU A 256 -22.23 2.37 -7.62
C GLU A 256 -23.34 1.97 -6.65
N GLU A 257 -22.99 1.70 -5.39
CA GLU A 257 -23.94 1.22 -4.40
C GLU A 257 -24.02 2.23 -3.27
N SER A 258 -24.26 3.48 -3.63
CA SER A 258 -24.53 4.55 -2.67
C SER A 258 -25.36 4.15 -1.45
N ALA A 259 -26.55 3.57 -1.67
CA ALA A 259 -27.53 3.41 -0.60
C ALA A 259 -27.39 2.11 0.18
N VAL A 260 -26.20 1.50 0.23
CA VAL A 260 -26.04 0.26 0.98
C VAL A 260 -25.49 0.62 2.35
N GLY A 261 -25.60 -0.33 3.28
CA GLY A 261 -25.10 -0.10 4.63
C GLY A 261 -23.58 -0.09 4.68
N MET A 262 -23.04 0.88 5.41
CA MET A 262 -21.60 1.03 5.57
C MET A 262 -21.28 1.28 7.03
N ILE A 263 -20.27 0.57 7.55
CA ILE A 263 -19.74 0.75 8.89
C ILE A 263 -18.24 0.94 8.76
N VAL A 264 -17.69 1.93 9.46
CA VAL A 264 -16.25 2.15 9.49
C VAL A 264 -15.74 1.93 10.91
N THR A 265 -14.67 1.17 11.06
CA THR A 265 -13.98 1.03 12.33
C THR A 265 -12.52 1.41 12.16
N THR A 266 -11.99 2.12 13.15
CA THR A 266 -10.60 2.58 13.14
C THR A 266 -10.17 2.81 14.58
N PHE A 267 -8.88 3.11 14.76
CA PHE A 267 -8.37 3.44 16.09
C PHE A 267 -9.05 4.68 16.64
N ALA A 268 -9.49 4.60 17.90
CA ALA A 268 -10.15 5.75 18.51
C ALA A 268 -9.18 6.91 18.71
N ALA A 269 -7.89 6.63 18.91
CA ALA A 269 -6.91 7.68 19.08
C ALA A 269 -6.45 8.30 17.76
N HIS A 270 -6.76 7.69 16.61
CA HIS A 270 -6.36 8.26 15.33
C HIS A 270 -7.33 9.38 14.98
N ILE A 271 -7.09 10.55 15.60
CA ILE A 271 -8.03 11.65 15.47
C ILE A 271 -8.08 12.19 14.04
N ALA A 272 -6.94 12.19 13.35
CA ALA A 272 -6.93 12.61 11.95
C ALA A 272 -7.80 11.70 11.09
N ARG A 273 -7.65 10.38 11.27
CA ARG A 273 -8.44 9.42 10.51
C ARG A 273 -9.93 9.60 10.78
N VAL A 274 -10.29 9.75 12.05
CA VAL A 274 -11.69 9.96 12.43
C VAL A 274 -12.21 11.26 11.81
N ASN A 275 -11.38 12.31 11.83
CA ASN A 275 -11.76 13.58 11.24
C ASN A 275 -12.07 13.42 9.75
N SER A 276 -11.20 12.72 9.04
CA SER A 276 -11.44 12.42 7.62
C SER A 276 -12.77 11.68 7.45
N ILE A 277 -13.02 10.68 8.30
CA ILE A 277 -14.22 9.87 8.15
C ILE A 277 -15.47 10.71 8.33
N VAL A 278 -15.46 11.62 9.32
CA VAL A 278 -16.65 12.42 9.58
C VAL A 278 -16.87 13.43 8.46
N GLN A 279 -15.79 13.99 7.91
CA GLN A 279 -15.97 14.90 6.78
C GLN A 279 -16.49 14.16 5.55
N PHE A 280 -16.04 12.92 5.34
CA PHE A 280 -16.58 12.12 4.25
C PHE A 280 -18.06 11.85 4.47
N ALA A 281 -18.44 11.50 5.70
CA ALA A 281 -19.85 11.31 6.03
C ALA A 281 -20.67 12.51 5.61
N GLN A 282 -20.15 13.71 5.89
CA GLN A 282 -20.87 14.91 5.46
C GLN A 282 -20.97 14.95 3.94
N GLU A 283 -19.93 14.52 3.23
CA GLU A 283 -20.01 14.51 1.77
C GLU A 283 -21.01 13.47 1.26
N MET A 284 -21.10 12.32 1.92
CA MET A 284 -21.95 11.23 1.45
C MET A 284 -23.43 11.45 1.74
N GLY A 285 -23.80 12.54 2.41
CA GLY A 285 -25.18 12.71 2.81
C GLY A 285 -25.64 11.77 3.90
N ARG A 286 -24.73 11.34 4.77
CA ARG A 286 -25.04 10.50 5.91
C ARG A 286 -24.73 11.26 7.20
N ILE A 287 -25.35 10.82 8.29
CA ILE A 287 -25.11 11.38 9.62
C ILE A 287 -23.97 10.60 10.26
N PRO A 288 -22.89 11.25 10.67
CA PRO A 288 -21.80 10.52 11.34
C PRO A 288 -22.17 10.23 12.79
N VAL A 289 -22.09 8.95 13.17
CA VAL A 289 -22.44 8.49 14.52
C VAL A 289 -21.26 7.73 15.08
N LEU A 290 -20.55 8.33 16.04
CA LEU A 290 -19.42 7.66 16.67
C LEU A 290 -19.92 6.80 17.82
N LEU A 291 -19.54 5.52 17.81
CA LEU A 291 -20.04 4.56 18.79
C LEU A 291 -18.86 3.88 19.48
N GLY A 292 -18.93 3.82 20.81
CA GLY A 292 -17.88 3.21 21.59
C GLY A 292 -17.35 4.09 22.71
N ARG A 293 -17.12 3.50 23.87
CA ARG A 293 -16.60 4.23 25.02
C ARG A 293 -15.29 4.93 24.68
N SER A 294 -14.36 4.20 24.04
CA SER A 294 -13.07 4.79 23.69
C SER A 294 -13.26 5.87 22.64
N MET A 295 -14.18 5.65 21.70
CA MET A 295 -14.44 6.64 20.67
C MET A 295 -14.85 7.96 21.31
N GLU A 296 -15.83 7.91 22.21
CA GLU A 296 -16.28 9.12 22.89
C GLU A 296 -15.15 9.74 23.69
N ARG A 297 -14.43 8.95 24.48
CA ARG A 297 -13.37 9.52 25.32
C ARG A 297 -12.33 10.26 24.47
N TYR A 298 -11.73 9.54 23.51
CA TYR A 298 -10.62 10.10 22.76
C TYR A 298 -11.06 11.26 21.86
N VAL A 299 -12.13 11.06 21.09
CA VAL A 299 -12.57 12.11 20.17
C VAL A 299 -13.09 13.31 20.94
N GLY A 300 -13.79 13.08 22.05
CA GLY A 300 -14.28 14.19 22.83
C GLY A 300 -13.16 14.98 23.47
N THR A 301 -12.14 14.29 24.00
CA THR A 301 -11.01 15.01 24.54
C THR A 301 -10.36 15.87 23.46
N ALA A 302 -10.19 15.32 22.27
CA ALA A 302 -9.62 16.11 21.17
C ALA A 302 -10.48 17.33 20.83
N TYR A 303 -11.80 17.16 20.77
CA TYR A 303 -12.68 18.27 20.36
C TYR A 303 -12.73 19.37 21.41
N GLN A 304 -12.63 18.95 22.67
CA GLN A 304 -12.80 19.74 23.87
C GLN A 304 -11.54 20.55 24.15
N LEU A 305 -10.45 20.19 23.50
CA LEU A 305 -9.19 20.93 23.48
C LEU A 305 -8.93 21.64 22.14
N GLY A 306 -9.89 21.61 21.22
CA GLY A 306 -9.74 22.31 19.96
C GLY A 306 -8.83 21.65 18.95
N TYR A 307 -8.62 20.35 19.07
CA TYR A 307 -7.80 19.65 18.08
C TYR A 307 -8.59 19.29 16.84
N ILE A 308 -9.92 19.14 16.97
CA ILE A 308 -10.78 18.92 15.82
C ILE A 308 -12.00 19.84 15.93
N ASP A 309 -12.63 20.05 14.79
CA ASP A 309 -13.96 20.62 14.72
C ASP A 309 -14.90 19.50 14.32
N LEU A 310 -16.19 19.69 14.59
CA LEU A 310 -17.15 18.63 14.31
C LEU A 310 -18.45 19.25 13.80
N PRO A 311 -19.09 18.62 12.81
CA PRO A 311 -20.39 19.12 12.36
C PRO A 311 -21.41 18.99 13.47
N GLU A 312 -22.39 19.89 13.46
CA GLU A 312 -23.36 19.89 14.55
C GLU A 312 -24.41 18.81 14.41
N ASN A 313 -24.34 18.00 13.35
CA ASN A 313 -25.21 16.83 13.23
C ASN A 313 -24.54 15.56 13.73
N VAL A 314 -23.30 15.65 14.20
CA VAL A 314 -22.61 14.46 14.69
C VAL A 314 -23.30 13.94 15.95
N GLU A 315 -23.29 12.63 16.10
CA GLU A 315 -23.82 11.98 17.29
C GLU A 315 -22.74 11.08 17.86
N ILE A 316 -22.60 11.10 19.19
CA ILE A 316 -21.51 10.42 19.88
C ILE A 316 -22.07 9.73 21.10
N TYR A 317 -21.87 8.42 21.20
CA TYR A 317 -22.41 7.61 22.29
C TYR A 317 -21.36 6.63 22.77
N GLY A 318 -21.02 6.71 24.05
CA GLY A 318 -20.07 5.79 24.64
C GLY A 318 -20.73 4.81 25.58
N SER A 319 -22.01 5.05 25.89
CA SER A 319 -22.74 4.24 26.84
C SER A 319 -23.52 3.14 26.12
N ARG A 320 -23.61 1.98 26.77
CA ARG A 320 -24.14 0.78 26.12
C ARG A 320 -25.54 1.02 25.57
N ARG A 321 -26.38 1.76 26.30
CA ARG A 321 -27.76 1.91 25.89
C ARG A 321 -27.96 3.04 24.91
N ASP A 322 -27.15 4.10 24.99
CA ASP A 322 -27.12 5.08 23.90
C ASP A 322 -26.67 4.42 22.61
N ILE A 323 -25.72 3.49 22.71
CA ILE A 323 -25.22 2.80 21.52
C ILE A 323 -26.30 1.90 20.93
N ASP A 324 -26.93 1.08 21.78
CA ASP A 324 -27.98 0.19 21.27
C ASP A 324 -29.16 0.99 20.74
N ASN A 325 -29.48 2.11 21.36
CA ASN A 325 -30.55 2.96 20.88
C ASN A 325 -30.22 3.59 19.54
N ALA A 326 -29.00 4.11 19.40
CA ALA A 326 -28.58 4.68 18.13
C ALA A 326 -28.59 3.63 17.03
N LEU A 327 -28.18 2.41 17.35
CA LEU A 327 -28.19 1.35 16.35
C LEU A 327 -29.60 0.96 15.95
N LYS A 328 -30.52 0.91 16.92
CA LYS A 328 -31.92 0.63 16.60
C LYS A 328 -32.50 1.74 15.72
N LYS A 329 -32.20 2.99 16.05
CA LYS A 329 -32.66 4.10 15.24
C LYS A 329 -32.09 4.04 13.83
N ILE A 330 -30.82 3.64 13.71
CA ILE A 330 -30.20 3.48 12.40
C ILE A 330 -30.93 2.42 11.59
N MET A 331 -31.31 1.32 12.24
CA MET A 331 -31.97 0.24 11.51
C MET A 331 -33.36 0.65 11.04
N GLU A 332 -34.11 1.38 11.86
CA GLU A 332 -35.46 1.74 11.46
C GLU A 332 -35.51 3.03 10.64
N ALA A 333 -34.46 3.86 10.68
CA ALA A 333 -34.38 5.00 9.80
C ALA A 333 -33.76 4.65 8.45
N GLY A 334 -32.98 3.57 8.37
CA GLY A 334 -32.32 3.20 7.15
C GLY A 334 -30.81 3.32 7.24
N LYS A 335 -30.10 2.19 7.11
CA LYS A 335 -28.65 2.20 7.26
C LYS A 335 -27.94 3.09 6.26
N ASP A 336 -28.56 3.37 5.12
CA ASP A 336 -27.93 4.20 4.09
C ASP A 336 -27.86 5.67 4.47
N LYS A 337 -28.43 6.04 5.62
CA LYS A 337 -28.65 7.39 6.14
C LYS A 337 -27.66 7.76 7.24
N TYR A 338 -26.83 6.80 7.68
CA TYR A 338 -25.83 7.02 8.72
C TYR A 338 -24.51 6.40 8.28
N LEU A 339 -23.42 6.90 8.87
CA LEU A 339 -22.10 6.27 8.77
C LEU A 339 -21.64 6.01 10.21
N PRO A 340 -21.88 4.81 10.73
CA PRO A 340 -21.40 4.49 12.08
C PRO A 340 -19.88 4.28 12.09
N VAL A 341 -19.19 5.07 12.91
CA VAL A 341 -17.77 4.94 13.14
C VAL A 341 -17.59 4.37 14.54
N MET A 342 -17.10 3.13 14.63
CA MET A 342 -17.16 2.39 15.88
C MET A 342 -15.85 1.70 16.23
N THR A 343 -15.77 1.30 17.49
CA THR A 343 -14.69 0.48 18.02
C THR A 343 -14.83 -0.96 17.55
N GLY A 344 -13.72 -1.70 17.61
CA GLY A 344 -13.77 -3.12 17.38
C GLY A 344 -12.93 -3.63 16.22
N HIS A 345 -12.01 -2.79 15.74
CA HIS A 345 -11.23 -3.16 14.56
C HIS A 345 -10.28 -4.32 14.81
N GLN A 346 -9.87 -4.56 16.06
CA GLN A 346 -9.07 -5.72 16.39
C GLN A 346 -9.93 -6.87 16.90
N GLY A 347 -11.24 -6.80 16.69
CA GLY A 347 -12.10 -7.85 17.17
C GLY A 347 -12.19 -7.94 18.67
N GLU A 348 -11.92 -6.83 19.36
CA GLU A 348 -11.91 -6.83 20.82
C GLU A 348 -13.28 -7.25 21.34
N PRO A 349 -13.34 -8.19 22.29
CA PRO A 349 -14.63 -8.55 22.87
C PRO A 349 -15.18 -7.41 23.71
N GLY A 350 -16.47 -7.13 23.53
CA GLY A 350 -17.10 -6.00 24.15
C GLY A 350 -17.17 -4.75 23.31
N ALA A 351 -16.31 -4.62 22.30
CA ALA A 351 -16.36 -3.48 21.40
C ALA A 351 -17.61 -3.54 20.53
N VAL A 352 -17.97 -2.39 19.95
CA VAL A 352 -19.26 -2.26 19.28
C VAL A 352 -19.35 -3.24 18.11
N LEU A 353 -18.32 -3.27 17.25
CA LEU A 353 -18.38 -4.12 16.07
C LEU A 353 -18.48 -5.59 16.46
N GLY A 354 -17.80 -5.99 17.54
CA GLY A 354 -17.89 -7.37 17.98
C GLY A 354 -19.25 -7.74 18.51
N ARG A 355 -19.87 -6.84 19.28
CA ARG A 355 -21.24 -7.10 19.75
C ARG A 355 -22.22 -7.16 18.59
N ILE A 356 -22.02 -6.32 17.57
CA ILE A 356 -22.86 -6.39 16.38
C ILE A 356 -22.68 -7.74 15.68
N ALA A 357 -21.42 -8.17 15.51
CA ALA A 357 -21.15 -9.43 14.84
C ALA A 357 -21.73 -10.60 15.62
N ASN A 358 -21.84 -10.41 16.91
CA ASN A 358 -22.37 -11.45 17.81
C ASN A 358 -23.89 -11.42 17.80
N GLY A 359 -24.47 -10.42 17.14
CA GLY A 359 -25.93 -10.27 17.03
C GLY A 359 -26.55 -9.87 18.34
N GLU A 360 -25.81 -9.21 19.21
CA GLU A 360 -26.29 -8.79 20.54
C GLU A 360 -26.71 -7.33 20.49
N THR A 361 -27.12 -6.85 19.34
CA THR A 361 -27.47 -5.44 19.19
C THR A 361 -28.67 -5.30 18.26
N PRO A 362 -29.35 -4.16 18.22
CA PRO A 362 -30.44 -3.95 17.30
C PRO A 362 -29.96 -3.88 15.86
N PHE A 363 -28.71 -3.52 15.64
CA PHE A 363 -28.19 -3.45 14.28
C PHE A 363 -27.98 -4.87 13.75
N LYS A 364 -28.51 -5.11 12.56
CA LYS A 364 -28.43 -6.41 11.89
C LYS A 364 -27.69 -6.22 10.57
N VAL A 365 -26.55 -6.89 10.42
CA VAL A 365 -25.79 -6.80 9.17
C VAL A 365 -26.43 -7.73 8.15
N GLU A 366 -26.60 -7.22 6.93
CA GLU A 366 -27.24 -7.95 5.85
C GLU A 366 -26.29 -8.07 4.67
N THR A 367 -26.61 -8.99 3.77
CA THR A 367 -25.80 -9.19 2.56
C THR A 367 -25.54 -7.88 1.85
N GLY A 368 -24.26 -7.63 1.54
CA GLY A 368 -23.87 -6.43 0.84
C GLY A 368 -23.47 -5.28 1.73
N ASP A 369 -23.80 -5.33 3.02
CA ASP A 369 -23.30 -4.33 3.96
C ASP A 369 -21.77 -4.31 3.93
N ARG A 370 -21.22 -3.10 3.94
CA ARG A 370 -19.79 -2.90 3.83
C ARG A 370 -19.21 -2.61 5.20
N ILE A 371 -18.14 -3.33 5.55
CA ILE A 371 -17.43 -3.13 6.80
C ILE A 371 -16.02 -2.71 6.42
N ILE A 372 -15.64 -1.48 6.77
CA ILE A 372 -14.38 -0.88 6.38
C ILE A 372 -13.51 -0.80 7.63
N PHE A 373 -12.44 -1.61 7.64
CA PHE A 373 -11.41 -1.54 8.68
C PHE A 373 -10.35 -0.53 8.22
N SER A 374 -10.44 0.70 8.70
CA SER A 374 -9.39 1.68 8.44
C SER A 374 -8.27 1.47 9.46
N ALA A 375 -7.70 0.27 9.41
CA ALA A 375 -6.69 -0.15 10.37
C ALA A 375 -6.02 -1.42 9.83
N ASN A 376 -4.87 -1.73 10.40
CA ASN A 376 -4.19 -2.99 10.18
C ASN A 376 -4.56 -3.98 11.28
N VAL A 377 -4.27 -5.25 11.02
CA VAL A 377 -4.32 -6.28 12.06
C VAL A 377 -2.97 -6.27 12.78
N ILE A 378 -3.01 -6.10 14.09
CA ILE A 378 -1.79 -6.07 14.90
C ILE A 378 -1.18 -7.46 14.92
N PRO A 379 0.08 -7.62 14.47
CA PRO A 379 0.69 -8.95 14.25
C PRO A 379 1.15 -9.66 15.52
N ASN A 380 0.19 -10.15 16.30
CA ASN A 380 0.46 -11.12 17.35
C ASN A 380 -0.70 -12.09 17.37
N PRO A 381 -0.46 -13.35 17.74
CA PRO A 381 -1.51 -14.38 17.61
C PRO A 381 -2.85 -14.07 18.30
N MET A 382 -2.86 -13.32 19.41
CA MET A 382 -4.11 -13.06 20.14
C MET A 382 -5.06 -12.17 19.33
N THR A 383 -4.59 -10.98 18.95
CA THR A 383 -5.43 -10.11 18.13
C THR A 383 -5.74 -10.74 16.78
N GLN A 384 -4.84 -11.59 16.26
CA GLN A 384 -5.15 -12.29 15.01
C GLN A 384 -6.31 -13.25 15.20
N ALA A 385 -6.35 -13.99 16.30
CA ALA A 385 -7.49 -14.86 16.57
C ALA A 385 -8.77 -14.04 16.72
N ASN A 386 -8.69 -12.91 17.43
CA ASN A 386 -9.89 -12.10 17.63
C ASN A 386 -10.41 -11.53 16.31
N ARG A 387 -9.52 -10.99 15.50
CA ARG A 387 -9.92 -10.44 14.22
C ARG A 387 -10.44 -11.52 13.29
N TYR A 388 -9.85 -12.72 13.34
CA TYR A 388 -10.34 -13.82 12.51
C TYR A 388 -11.74 -14.22 12.92
N ALA A 389 -12.01 -14.33 14.23
CA ALA A 389 -13.35 -14.67 14.69
C ALA A 389 -14.35 -13.60 14.27
N LEU A 390 -14.00 -12.33 14.47
CA LEU A 390 -14.91 -11.25 14.09
C LEU A 390 -15.18 -11.26 12.59
N GLU A 391 -14.13 -11.41 11.78
CA GLU A 391 -14.31 -11.39 10.34
C GLU A 391 -15.13 -12.58 9.85
N THR A 392 -14.90 -13.76 10.43
CA THR A 392 -15.74 -14.90 10.07
C THR A 392 -17.21 -14.61 10.39
N LYS A 393 -17.48 -14.08 11.58
CA LYS A 393 -18.86 -13.77 11.96
C LYS A 393 -19.49 -12.78 11.00
N LEU A 394 -18.76 -11.71 10.66
CA LEU A 394 -19.31 -10.71 9.74
C LEU A 394 -19.53 -11.29 8.35
N LYS A 395 -18.57 -12.07 7.83
CA LYS A 395 -18.70 -12.63 6.49
C LYS A 395 -19.87 -13.61 6.42
N MET A 396 -20.08 -14.38 7.49
CA MET A 396 -21.20 -15.32 7.51
C MET A 396 -22.55 -14.60 7.51
N LYS A 397 -22.60 -13.33 7.89
CA LYS A 397 -23.83 -12.55 7.84
C LYS A 397 -23.93 -11.72 6.56
N GLY A 398 -23.09 -11.99 5.56
CA GLY A 398 -23.18 -11.37 4.26
C GLY A 398 -22.39 -10.09 4.07
N ALA A 399 -21.54 -9.72 5.01
CA ALA A 399 -20.80 -8.48 4.90
C ALA A 399 -19.69 -8.58 3.85
N ARG A 400 -19.40 -7.44 3.22
CA ARG A 400 -18.23 -7.30 2.37
C ARG A 400 -17.16 -6.53 3.14
N ILE A 401 -15.94 -7.06 3.18
CA ILE A 401 -14.88 -6.59 4.06
C ILE A 401 -13.88 -5.78 3.26
N TYR A 402 -13.64 -4.53 3.68
CA TYR A 402 -12.56 -3.71 3.12
C TYR A 402 -11.52 -3.56 4.22
N ASP A 403 -10.41 -4.27 4.07
CA ASP A 403 -9.38 -4.36 5.09
C ASP A 403 -8.20 -3.44 4.79
N ASN A 404 -7.50 -3.05 5.86
CA ASN A 404 -6.22 -2.36 5.78
C ASN A 404 -6.29 -1.09 4.93
N VAL A 405 -7.41 -0.38 5.02
CA VAL A 405 -7.49 0.93 4.36
C VAL A 405 -6.78 1.89 5.28
N HIS A 406 -5.46 2.00 5.11
CA HIS A 406 -4.61 2.38 6.22
C HIS A 406 -3.19 2.58 5.72
N VAL A 407 -2.48 3.49 6.37
CA VAL A 407 -1.04 3.60 6.22
C VAL A 407 -0.45 3.61 7.63
N SER A 408 0.82 3.22 7.70
CA SER A 408 1.50 3.08 8.97
C SER A 408 1.78 4.45 9.58
N GLY A 409 1.96 4.45 10.90
CA GLY A 409 2.33 5.65 11.63
C GLY A 409 3.80 5.74 11.99
N HIS A 410 4.64 4.87 11.41
CA HIS A 410 6.04 4.77 11.80
C HIS A 410 6.94 5.04 10.60
N ALA A 411 8.09 5.64 10.88
CA ALA A 411 9.07 5.92 9.83
C ALA A 411 9.53 4.65 9.15
N TYR A 412 9.84 4.78 7.85
CA TYR A 412 10.45 3.69 7.09
C TYR A 412 11.96 3.91 7.02
N ARG A 413 12.64 3.00 6.31
CA ARG A 413 14.11 3.01 6.28
C ARG A 413 14.67 4.35 5.82
N GLU A 414 14.18 4.86 4.69
CA GLU A 414 14.77 6.08 4.15
C GLU A 414 14.38 7.31 4.98
N ASP A 415 13.24 7.26 5.68
CA ASP A 415 12.94 8.31 6.65
C ASP A 415 14.01 8.37 7.73
N HIS A 416 14.39 7.19 8.24
CA HIS A 416 15.46 7.11 9.23
C HIS A 416 16.79 7.60 8.64
N TRP A 417 17.06 7.25 7.38
CA TRP A 417 18.27 7.73 6.72
C TRP A 417 18.33 9.26 6.71
N GLU A 418 17.23 9.90 6.31
CA GLU A 418 17.21 11.35 6.26
C GLU A 418 17.26 11.97 7.66
N LEU A 419 16.69 11.31 8.67
CA LEU A 419 16.77 11.87 10.01
C LEU A 419 18.20 11.76 10.55
N LEU A 420 18.89 10.68 10.24
CA LEU A 420 20.32 10.59 10.56
C LEU A 420 21.10 11.70 9.88
N ARG A 421 20.76 11.98 8.62
CA ARG A 421 21.49 13.02 7.90
C ARG A 421 21.19 14.40 8.49
N MET A 422 19.99 14.60 9.03
CA MET A 422 19.63 15.91 9.58
C MET A 422 20.22 16.11 10.97
N LEU A 423 20.09 15.11 11.83
CA LEU A 423 20.47 15.26 13.23
C LEU A 423 21.93 14.92 13.51
N LYS A 424 22.60 14.22 12.59
CA LYS A 424 24.04 13.97 12.67
C LYS A 424 24.48 13.53 14.07
N PRO A 425 23.82 12.55 14.67
CA PRO A 425 24.16 12.18 16.04
C PRO A 425 25.52 11.50 16.12
N GLU A 426 26.22 11.72 17.24
CA GLU A 426 27.46 11.01 17.47
C GLU A 426 27.22 9.51 17.67
N HIS A 427 26.22 9.15 18.46
CA HIS A 427 25.88 7.75 18.70
C HIS A 427 24.41 7.53 18.41
N VAL A 428 24.07 6.33 17.96
CA VAL A 428 22.69 5.96 17.65
C VAL A 428 22.33 4.70 18.40
N ILE A 429 21.13 4.69 18.96
CA ILE A 429 20.61 3.58 19.76
C ILE A 429 19.21 3.24 19.26
N PRO A 430 19.04 2.11 18.57
CA PRO A 430 17.69 1.67 18.21
C PRO A 430 16.93 1.20 19.44
N ALA A 431 15.66 1.59 19.51
CA ALA A 431 14.77 1.26 20.61
C ALA A 431 13.44 0.87 20.01
N HIS A 432 12.50 0.48 20.87
CA HIS A 432 11.11 0.32 20.48
C HIS A 432 10.96 -0.77 19.41
N GLY A 433 11.45 -1.95 19.73
CA GLY A 433 11.18 -3.09 18.88
C GLY A 433 11.91 -4.33 19.33
N THR A 434 11.73 -5.39 18.54
CA THR A 434 12.49 -6.61 18.74
C THR A 434 13.91 -6.43 18.21
N ILE A 435 14.79 -7.36 18.57
CA ILE A 435 16.16 -7.30 18.05
C ILE A 435 16.19 -7.45 16.53
N GLN A 436 15.15 -8.03 15.93
CA GLN A 436 15.11 -8.15 14.48
C GLN A 436 14.88 -6.79 13.82
N MET A 437 13.98 -6.00 14.38
CA MET A 437 13.78 -4.64 13.91
C MET A 437 15.03 -3.81 14.10
N HIS A 438 15.75 -4.03 15.22
CA HIS A 438 17.01 -3.34 15.41
C HIS A 438 18.05 -3.78 14.38
N SER A 439 18.03 -5.06 13.99
CA SER A 439 18.91 -5.54 12.92
C SER A 439 18.70 -4.71 11.65
N GLU A 440 17.44 -4.54 11.26
CA GLU A 440 17.15 -3.72 10.09
C GLU A 440 17.71 -2.30 10.26
N TYR A 441 17.46 -1.69 11.43
CA TYR A 441 17.99 -0.35 11.65
C TYR A 441 19.51 -0.32 11.56
N ILE A 442 20.17 -1.36 12.08
CA ILE A 442 21.62 -1.35 12.19
C ILE A 442 22.23 -1.39 10.82
N GLN A 443 21.53 -2.05 9.92
CA GLN A 443 22.07 -2.24 8.58
C GLN A 443 21.94 -0.94 7.81
N MET A 444 20.85 -0.23 8.05
CA MET A 444 20.73 1.13 7.51
C MET A 444 21.78 2.07 8.09
N ALA A 445 21.97 2.03 9.40
CA ALA A 445 22.88 2.96 10.06
C ALA A 445 24.34 2.71 9.66
N GLU A 446 24.70 1.44 9.47
CA GLU A 446 26.02 1.13 8.95
C GLU A 446 26.20 1.72 7.56
N ASP A 447 25.13 1.71 6.75
CA ASP A 447 25.23 2.41 5.47
C ASP A 447 25.55 3.90 5.63
N ALA A 448 25.18 4.51 6.75
CA ALA A 448 25.35 5.94 6.94
C ALA A 448 26.67 6.31 7.61
N GLY A 449 27.53 5.34 7.90
CA GLY A 449 28.85 5.60 8.47
C GLY A 449 29.06 5.14 9.89
N TYR A 450 28.01 4.70 10.60
CA TYR A 450 28.19 4.26 11.98
C TYR A 450 28.68 2.82 12.04
N SER A 451 29.32 2.48 13.16
CA SER A 451 29.88 1.16 13.38
C SER A 451 29.32 0.61 14.70
N LEU A 452 28.87 -0.65 14.67
CA LEU A 452 28.16 -1.23 15.80
C LEU A 452 29.12 -1.51 16.95
N GLY A 453 28.67 -1.22 18.17
CA GLY A 453 29.54 -1.34 19.32
C GLY A 453 30.55 -0.23 19.47
N ASP A 454 30.59 0.72 18.54
CA ASP A 454 31.44 1.89 18.66
C ASP A 454 30.63 3.18 18.71
N THR A 455 29.83 3.44 17.67
CA THR A 455 28.95 4.60 17.61
C THR A 455 27.51 4.18 17.35
N LEU A 456 27.26 2.88 17.25
CA LEU A 456 25.95 2.32 17.01
C LEU A 456 25.79 1.18 18.01
N HIS A 457 24.73 1.22 18.81
CA HIS A 457 24.69 0.41 20.02
C HIS A 457 23.38 -0.35 20.10
N LEU A 458 23.48 -1.68 20.15
CA LEU A 458 22.32 -2.55 20.31
C LEU A 458 22.23 -2.92 21.78
N LEU A 459 21.24 -2.35 22.47
CA LEU A 459 21.06 -2.58 23.89
C LEU A 459 19.90 -3.55 24.12
N ARG A 460 20.02 -4.33 25.19
CA ARG A 460 18.93 -5.17 25.66
C ARG A 460 18.30 -4.57 26.90
N ASN A 461 17.07 -5.01 27.19
CA ASN A 461 16.39 -4.58 28.41
C ASN A 461 17.30 -4.83 29.60
N GLY A 462 17.48 -3.79 30.42
CA GLY A 462 18.26 -3.91 31.63
C GLY A 462 19.72 -3.52 31.51
N GLU A 463 20.12 -2.90 30.40
CA GLU A 463 21.51 -2.51 30.19
C GLU A 463 21.67 -1.00 30.21
N GLU A 464 22.80 -0.55 30.75
CA GLU A 464 23.18 0.86 30.77
C GLU A 464 24.42 1.02 29.90
N LEU A 465 24.32 1.88 28.89
CA LEU A 465 25.43 2.26 28.03
C LEU A 465 26.02 3.57 28.52
N TYR A 466 27.33 3.59 28.70
CA TYR A 466 28.05 4.78 29.14
C TYR A 466 28.63 5.52 27.94
N ILE A 467 28.40 6.83 27.89
CA ILE A 467 28.95 7.70 26.86
C ILE A 467 29.74 8.78 27.57
N GLU A 468 31.06 8.75 27.41
CA GLU A 468 31.93 9.73 28.04
C GLU A 468 32.42 10.76 27.02
N GLU A 469 33.13 11.76 27.55
CA GLU A 469 33.70 12.84 26.76
C GLU A 469 35.13 12.51 26.39
N ASP A 470 35.50 12.77 25.13
CA ASP A 470 36.87 12.54 24.69
C ASP A 470 37.82 13.52 25.37
N HIS B 8 -62.15 -38.79 -9.85
CA HIS B 8 -60.96 -39.50 -10.30
C HIS B 8 -59.77 -38.56 -10.50
N HIS B 9 -59.95 -37.49 -11.29
CA HIS B 9 -58.87 -36.57 -11.62
C HIS B 9 -59.12 -35.17 -11.06
N HIS B 10 -58.19 -34.69 -10.24
CA HIS B 10 -58.16 -33.33 -9.72
C HIS B 10 -57.17 -32.47 -10.51
N SER B 11 -57.50 -31.20 -10.71
CA SER B 11 -56.54 -30.30 -11.35
C SER B 11 -55.41 -29.99 -10.38
N SER B 12 -54.18 -29.95 -10.91
CA SER B 12 -52.99 -29.69 -10.11
C SER B 12 -52.54 -28.24 -10.13
N GLY B 13 -52.64 -27.57 -11.26
CA GLY B 13 -52.24 -26.18 -11.36
C GLY B 13 -51.82 -25.86 -12.77
N LEU B 14 -51.43 -24.59 -12.95
CA LEU B 14 -51.14 -24.04 -14.26
C LEU B 14 -49.75 -23.42 -14.24
N VAL B 15 -49.09 -23.42 -15.40
CA VAL B 15 -47.75 -22.85 -15.54
C VAL B 15 -47.69 -22.11 -16.86
N PRO B 16 -47.27 -20.84 -16.87
CA PRO B 16 -47.14 -20.09 -18.13
C PRO B 16 -45.81 -20.39 -18.82
N ARG B 17 -45.88 -20.92 -20.03
CA ARG B 17 -44.68 -21.22 -20.81
C ARG B 17 -44.21 -19.97 -21.55
N GLY B 18 -42.91 -19.71 -21.48
CA GLY B 18 -42.36 -18.56 -22.18
C GLY B 18 -42.09 -18.83 -23.65
N SER B 19 -42.01 -17.75 -24.41
CA SER B 19 -41.64 -17.82 -25.82
C SER B 19 -40.13 -17.86 -25.98
N HIS B 20 -39.68 -18.45 -27.08
CA HIS B 20 -38.25 -18.56 -27.37
C HIS B 20 -38.09 -18.22 -28.85
N MET B 21 -37.86 -16.94 -29.11
CA MET B 21 -37.88 -16.38 -30.46
C MET B 21 -36.52 -16.38 -31.15
N ALA B 22 -35.45 -16.66 -30.43
CA ALA B 22 -34.11 -16.64 -31.01
C ALA B 22 -33.24 -17.62 -30.26
N SER B 23 -32.78 -18.66 -30.95
CA SER B 23 -31.93 -19.68 -30.34
C SER B 23 -30.51 -19.47 -30.86
N THR B 24 -29.60 -19.12 -29.96
CA THR B 24 -28.20 -18.91 -30.30
C THR B 24 -27.35 -19.93 -29.55
N GLU B 25 -26.46 -20.60 -30.28
CA GLU B 25 -25.48 -21.47 -29.65
C GLU B 25 -24.20 -20.67 -29.46
N ILE B 26 -23.79 -20.52 -28.20
CA ILE B 26 -22.61 -19.77 -27.81
C ILE B 26 -21.54 -20.76 -27.39
N GLY B 27 -20.29 -20.46 -27.74
CA GLY B 27 -19.17 -21.27 -27.30
C GLY B 27 -18.10 -20.42 -26.65
N ILE B 28 -17.71 -20.74 -25.43
CA ILE B 28 -16.60 -20.09 -24.76
C ILE B 28 -15.46 -21.09 -24.75
N ILE B 29 -14.42 -20.81 -25.54
CA ILE B 29 -13.29 -21.73 -25.70
C ILE B 29 -12.07 -21.10 -25.04
N ALA B 30 -11.55 -21.80 -24.03
CA ALA B 30 -10.34 -21.39 -23.33
C ALA B 30 -9.13 -21.98 -24.05
N VAL B 31 -8.31 -21.13 -24.68
CA VAL B 31 -7.14 -21.63 -25.40
C VAL B 31 -5.87 -21.50 -24.55
N GLY B 32 -5.63 -20.33 -23.98
CA GLY B 32 -4.46 -20.14 -23.14
C GLY B 32 -4.73 -19.10 -22.09
N GLY B 33 -3.98 -19.20 -20.99
CA GLY B 33 -4.12 -18.30 -19.88
C GLY B 33 -5.15 -18.72 -18.84
N TYR B 34 -5.75 -19.90 -19.00
CA TYR B 34 -6.67 -20.42 -18.00
C TYR B 34 -5.99 -21.34 -17.00
N ASN B 35 -4.82 -21.87 -17.34
CA ASN B 35 -4.03 -22.68 -16.41
C ASN B 35 -2.82 -21.92 -15.87
N GLU B 36 -2.61 -20.68 -16.28
CA GLU B 36 -1.37 -20.00 -15.95
C GLU B 36 -1.52 -18.50 -16.17
N MET B 37 -0.55 -17.75 -15.64
CA MET B 37 -0.40 -16.34 -15.98
C MET B 37 0.33 -16.21 -17.31
N GLY B 38 -0.27 -15.49 -18.23
CA GLY B 38 0.33 -15.24 -19.53
C GLY B 38 -0.35 -16.07 -20.61
N ARG B 39 0.11 -15.84 -21.84
CA ARG B 39 -0.38 -16.51 -23.04
C ARG B 39 -1.90 -16.62 -23.08
N ASN B 40 -2.59 -15.54 -22.73
CA ASN B 40 -4.04 -15.52 -22.76
C ASN B 40 -4.56 -15.66 -24.18
N MET B 41 -5.64 -16.43 -24.33
CA MET B 41 -6.39 -16.50 -25.57
C MET B 41 -7.76 -17.10 -25.33
N THR B 42 -8.78 -16.41 -25.82
CA THR B 42 -10.15 -16.86 -25.70
C THR B 42 -10.79 -16.84 -27.08
N ALA B 43 -11.69 -17.80 -27.31
CA ALA B 43 -12.50 -17.82 -28.53
C ALA B 43 -13.98 -17.77 -28.15
N ILE B 44 -14.74 -16.89 -28.78
CA ILE B 44 -16.17 -16.76 -28.57
C ILE B 44 -16.86 -17.17 -29.87
N ARG B 45 -17.64 -18.24 -29.82
CA ARG B 45 -18.34 -18.76 -30.98
C ARG B 45 -19.81 -18.35 -30.92
N VAL B 46 -20.31 -17.74 -31.99
CA VAL B 46 -21.73 -17.48 -32.18
C VAL B 46 -22.20 -18.33 -33.36
N ASN B 47 -22.63 -19.54 -33.03
CA ASN B 47 -23.20 -20.64 -33.80
C ASN B 47 -22.25 -21.24 -34.83
N GLU B 48 -21.55 -20.39 -35.57
CA GLU B 48 -20.64 -20.86 -36.61
C GLU B 48 -19.58 -19.81 -36.88
N ASP B 49 -19.72 -18.64 -36.25
CA ASP B 49 -18.72 -17.58 -36.38
C ASP B 49 -17.91 -17.52 -35.09
N ILE B 50 -16.64 -17.14 -35.21
CA ILE B 50 -15.76 -17.13 -34.05
C ILE B 50 -15.06 -15.78 -33.99
N ILE B 51 -15.06 -15.18 -32.80
CA ILE B 51 -14.29 -13.98 -32.50
C ILE B 51 -13.21 -14.39 -31.51
N ILE B 52 -11.97 -14.23 -31.91
CA ILE B 52 -10.83 -14.48 -31.04
C ILE B 52 -10.52 -13.21 -30.27
N ILE B 53 -10.20 -13.36 -28.99
CA ILE B 53 -9.81 -12.25 -28.14
C ILE B 53 -8.47 -12.58 -27.49
N ASP B 54 -7.46 -11.72 -27.72
CA ASP B 54 -6.17 -11.79 -27.03
C ASP B 54 -5.28 -12.98 -27.35
N MET B 55 -4.39 -12.88 -28.34
CA MET B 55 -3.27 -13.83 -28.50
C MET B 55 -2.03 -13.37 -27.72
N GLY B 56 -1.84 -13.88 -26.48
CA GLY B 56 -0.75 -13.45 -25.63
C GLY B 56 0.46 -14.40 -25.52
N ILE B 57 1.54 -13.87 -24.96
CA ILE B 57 2.77 -14.62 -24.69
C ILE B 57 2.90 -14.84 -23.19
N ARG B 58 3.58 -15.93 -22.83
CA ARG B 58 3.94 -16.19 -21.43
C ARG B 58 5.46 -16.12 -21.30
N LEU B 59 5.94 -15.01 -20.75
CA LEU B 59 7.34 -14.65 -20.87
C LEU B 59 8.26 -15.55 -20.04
N ASP B 60 7.81 -15.99 -18.86
CA ASP B 60 8.71 -16.75 -18.00
C ASP B 60 9.08 -18.09 -18.62
N ARG B 61 8.17 -18.71 -19.36
CA ARG B 61 8.51 -19.97 -20.03
C ARG B 61 9.51 -19.74 -21.15
N VAL B 62 9.64 -18.51 -21.64
CA VAL B 62 10.74 -18.17 -22.51
C VAL B 62 12.03 -18.00 -21.70
N GLN B 63 11.94 -17.36 -20.54
CA GLN B 63 13.15 -17.03 -19.78
C GLN B 63 13.85 -18.28 -19.25
N ILE B 64 13.14 -19.39 -19.05
CA ILE B 64 13.78 -20.57 -18.47
C ILE B 64 14.70 -21.28 -19.44
N HIS B 65 14.69 -20.90 -20.72
CA HIS B 65 15.64 -21.43 -21.69
C HIS B 65 16.65 -20.33 -22.03
N GLU B 66 17.96 -20.66 -21.94
CA GLU B 66 18.95 -19.59 -22.14
C GLU B 66 19.08 -19.21 -23.60
N ASP B 67 19.28 -20.21 -24.45
CA ASP B 67 19.35 -20.06 -25.91
C ASP B 67 17.95 -19.93 -26.48
N VAL B 68 17.39 -18.71 -26.53
CA VAL B 68 15.98 -18.64 -26.91
C VAL B 68 15.70 -17.91 -28.22
N ASP B 69 15.87 -16.58 -28.26
CA ASP B 69 15.50 -15.77 -29.42
C ASP B 69 14.11 -16.17 -29.95
N THR B 70 13.08 -15.77 -29.19
CA THR B 70 11.70 -16.05 -29.59
C THR B 70 11.41 -15.67 -31.03
N ASP B 71 12.13 -14.67 -31.56
CA ASP B 71 11.86 -14.16 -32.89
C ASP B 71 12.18 -15.17 -34.00
N ARG B 72 13.07 -16.13 -33.75
CA ARG B 72 13.45 -17.09 -34.78
C ARG B 72 12.69 -18.41 -34.67
N MET B 73 12.00 -18.66 -33.56
CA MET B 73 11.39 -19.95 -33.32
C MET B 73 10.02 -20.05 -33.98
N HIS B 74 9.73 -21.24 -34.44
CA HIS B 74 8.41 -21.40 -35.04
C HIS B 74 7.37 -21.55 -33.92
N SER B 75 6.11 -21.22 -34.24
CA SER B 75 5.02 -21.24 -33.27
C SER B 75 4.79 -22.62 -32.67
N LEU B 76 5.20 -23.67 -33.36
CA LEU B 76 4.88 -25.00 -32.87
C LEU B 76 5.81 -25.37 -31.74
N GLU B 77 7.06 -24.95 -31.84
CA GLU B 77 8.01 -25.07 -30.75
C GLU B 77 7.65 -24.14 -29.58
N LEU B 78 7.16 -22.95 -29.90
CA LEU B 78 6.73 -22.05 -28.83
C LEU B 78 5.54 -22.63 -28.09
N ILE B 79 4.64 -23.32 -28.79
CA ILE B 79 3.54 -23.98 -28.11
C ILE B 79 4.05 -25.12 -27.24
N GLU B 80 5.02 -25.88 -27.79
CA GLU B 80 5.62 -27.03 -27.08
C GLU B 80 6.31 -26.51 -25.80
N MET B 81 6.72 -25.24 -25.81
CA MET B 81 7.41 -24.63 -24.64
C MET B 81 6.35 -24.09 -23.67
N GLY B 82 5.12 -23.89 -24.15
CA GLY B 82 4.02 -23.37 -23.32
C GLY B 82 4.10 -21.86 -23.18
N ALA B 83 4.65 -21.18 -24.18
CA ALA B 83 4.77 -19.71 -24.16
C ALA B 83 3.69 -19.08 -25.05
N ILE B 84 3.15 -19.86 -25.99
CA ILE B 84 2.09 -19.37 -26.92
C ILE B 84 0.87 -20.29 -26.79
N PRO B 85 -0.37 -19.74 -26.76
CA PRO B 85 -1.58 -20.57 -26.64
C PRO B 85 -1.61 -21.68 -27.69
N ASP B 86 -1.93 -22.91 -27.26
CA ASP B 86 -1.99 -24.06 -28.16
C ASP B 86 -3.30 -23.94 -28.94
N ASP B 87 -3.26 -23.12 -29.99
CA ASP B 87 -4.47 -22.84 -30.76
C ASP B 87 -4.81 -23.92 -31.77
N THR B 88 -4.08 -25.03 -31.79
CA THR B 88 -4.43 -26.10 -32.71
C THR B 88 -5.81 -26.68 -32.40
N ILE B 89 -6.29 -26.54 -31.15
CA ILE B 89 -7.65 -26.96 -30.82
C ILE B 89 -8.67 -26.23 -31.67
N MET B 90 -8.33 -25.06 -32.22
CA MET B 90 -9.23 -24.33 -33.10
C MET B 90 -9.62 -25.13 -34.33
N ASN B 91 -8.79 -26.09 -34.74
CA ASN B 91 -9.16 -26.84 -35.92
C ASN B 91 -10.28 -27.82 -35.64
N GLU B 92 -10.74 -27.89 -34.38
CA GLU B 92 -11.76 -28.83 -34.02
C GLU B 92 -12.93 -28.12 -33.34
N VAL B 93 -12.90 -26.78 -33.29
CA VAL B 93 -14.03 -25.94 -32.92
C VAL B 93 -14.83 -25.66 -34.19
N ASN B 94 -16.15 -25.74 -34.08
CA ASN B 94 -17.01 -25.78 -35.26
C ASN B 94 -17.39 -24.36 -35.64
N GLY B 95 -16.53 -23.73 -36.44
CA GLY B 95 -16.80 -22.39 -36.90
C GLY B 95 -15.58 -21.80 -37.55
N ASN B 96 -15.76 -20.60 -38.10
CA ASN B 96 -14.70 -19.89 -38.79
C ASN B 96 -14.41 -18.58 -38.09
N VAL B 97 -13.14 -18.31 -37.84
CA VAL B 97 -12.72 -17.09 -37.17
C VAL B 97 -12.97 -15.89 -38.08
N ARG B 98 -13.68 -14.90 -37.57
CA ARG B 98 -14.02 -13.71 -38.33
C ARG B 98 -13.27 -12.47 -37.83
N ALA B 99 -12.68 -12.51 -36.64
CA ALA B 99 -11.97 -11.36 -36.10
C ALA B 99 -11.10 -11.80 -34.96
N ILE B 100 -9.98 -11.09 -34.80
CA ILE B 100 -9.11 -11.21 -33.63
C ILE B 100 -9.13 -9.86 -32.95
N VAL B 101 -9.49 -9.85 -31.67
CA VAL B 101 -9.61 -8.62 -30.90
C VAL B 101 -8.57 -8.67 -29.79
N CYS B 102 -7.93 -7.52 -29.55
CA CYS B 102 -6.98 -7.38 -28.46
C CYS B 102 -7.44 -6.25 -27.55
N THR B 103 -7.53 -6.55 -26.25
CA THR B 103 -8.11 -5.60 -25.32
C THR B 103 -7.14 -4.50 -24.91
N HIS B 104 -5.84 -4.73 -25.04
CA HIS B 104 -4.81 -3.72 -24.77
C HIS B 104 -3.47 -4.26 -25.26
N GLY B 105 -2.43 -3.44 -25.12
CA GLY B 105 -1.13 -3.69 -25.73
C GLY B 105 -0.09 -4.40 -24.89
N HIS B 106 -0.45 -4.97 -23.74
CA HIS B 106 0.49 -5.76 -22.97
C HIS B 106 0.83 -7.05 -23.72
N LEU B 107 2.01 -7.60 -23.42
CA LEU B 107 2.47 -8.78 -24.15
C LEU B 107 1.68 -10.03 -23.79
N ASP B 108 1.07 -10.07 -22.62
CA ASP B 108 0.24 -11.23 -22.32
C ASP B 108 -1.08 -11.20 -23.07
N HIS B 109 -1.30 -10.19 -23.93
CA HIS B 109 -2.46 -10.12 -24.79
C HIS B 109 -2.14 -10.02 -26.28
N ILE B 110 -0.99 -9.47 -26.66
CA ILE B 110 -0.61 -9.33 -28.06
C ILE B 110 0.70 -10.01 -28.40
N GLY B 111 1.40 -10.57 -27.41
CA GLY B 111 2.73 -11.09 -27.65
C GLY B 111 2.78 -12.24 -28.65
N ALA B 112 1.71 -13.01 -28.74
CA ALA B 112 1.68 -14.14 -29.66
C ALA B 112 1.08 -13.79 -31.02
N ILE B 113 0.68 -12.53 -31.22
CA ILE B 113 0.10 -12.13 -32.51
C ILE B 113 1.03 -12.48 -33.68
N PRO B 114 2.32 -12.09 -33.68
CA PRO B 114 3.18 -12.37 -34.84
C PRO B 114 3.49 -13.85 -35.04
N LYS B 115 3.02 -14.74 -34.19
CA LYS B 115 3.25 -16.16 -34.38
C LYS B 115 1.98 -16.93 -34.77
N LEU B 116 0.80 -16.40 -34.46
CA LEU B 116 -0.45 -17.12 -34.65
C LEU B 116 -1.47 -16.40 -35.53
N ALA B 117 -1.44 -15.06 -35.59
CA ALA B 117 -2.51 -14.33 -36.27
C ALA B 117 -2.57 -14.64 -37.77
N HIS B 118 -1.42 -14.86 -38.42
CA HIS B 118 -1.41 -14.98 -39.88
C HIS B 118 -2.17 -16.19 -40.38
N ARG B 119 -2.47 -17.16 -39.52
CA ARG B 119 -3.19 -18.34 -39.97
C ARG B 119 -4.69 -18.14 -39.99
N TYR B 120 -5.19 -16.96 -39.64
CA TYR B 120 -6.62 -16.71 -39.60
C TYR B 120 -6.99 -15.65 -40.62
N ALA B 121 -7.96 -15.96 -41.46
CA ALA B 121 -8.48 -15.00 -42.43
C ALA B 121 -9.43 -14.07 -41.69
N ALA B 122 -8.83 -13.14 -40.94
CA ALA B 122 -9.60 -12.28 -40.05
C ALA B 122 -8.76 -11.06 -39.73
N PRO B 123 -9.38 -9.89 -39.57
CA PRO B 123 -8.64 -8.70 -39.16
C PRO B 123 -8.30 -8.76 -37.68
N ILE B 124 -7.43 -7.85 -37.27
CA ILE B 124 -7.06 -7.64 -35.88
C ILE B 124 -7.63 -6.30 -35.46
N ILE B 125 -8.54 -6.30 -34.48
CA ILE B 125 -9.27 -5.11 -34.07
C ILE B 125 -8.78 -4.70 -32.70
N ALA B 126 -8.43 -3.43 -32.55
CA ALA B 126 -7.93 -2.94 -31.27
C ALA B 126 -8.04 -1.42 -31.23
N THR B 127 -7.75 -0.87 -30.06
CA THR B 127 -7.68 0.57 -29.87
C THR B 127 -6.45 1.13 -30.59
N PRO B 128 -6.45 2.42 -30.91
CA PRO B 128 -5.31 3.01 -31.64
C PRO B 128 -3.94 2.70 -31.05
N TYR B 129 -3.74 2.95 -29.74
CA TYR B 129 -2.45 2.65 -29.12
C TYR B 129 -2.12 1.17 -29.25
N THR B 130 -3.12 0.30 -29.02
CA THR B 130 -2.88 -1.13 -29.15
C THR B 130 -2.51 -1.50 -30.58
N THR B 131 -3.16 -0.90 -31.57
CA THR B 131 -2.84 -1.23 -32.95
C THR B 131 -1.43 -0.78 -33.31
N ALA B 132 -1.01 0.38 -32.81
CA ALA B 132 0.36 0.81 -33.01
C ALA B 132 1.34 -0.20 -32.41
N LEU B 133 1.08 -0.64 -31.19
CA LEU B 133 1.97 -1.60 -30.54
C LEU B 133 1.96 -2.95 -31.27
N ILE B 134 0.80 -3.35 -31.79
CA ILE B 134 0.73 -4.61 -32.53
C ILE B 134 1.54 -4.51 -33.82
N LYS B 135 1.42 -3.37 -34.51
CA LYS B 135 2.20 -3.17 -35.73
C LYS B 135 3.69 -3.20 -35.44
N HIS B 136 4.11 -2.62 -34.32
CA HIS B 136 5.53 -2.71 -33.99
C HIS B 136 5.94 -4.15 -33.67
N GLN B 137 5.10 -4.87 -32.92
CA GLN B 137 5.43 -6.25 -32.56
C GLN B 137 5.61 -7.11 -33.80
N ILE B 138 4.75 -6.91 -34.81
CA ILE B 138 4.87 -7.70 -36.03
C ILE B 138 6.10 -7.27 -36.82
N ASP B 139 6.38 -5.96 -36.84
CA ASP B 139 7.53 -5.44 -37.57
C ASP B 139 8.83 -5.98 -37.02
N SER B 140 8.86 -6.40 -35.76
CA SER B 140 10.07 -6.92 -35.16
C SER B 140 10.31 -8.39 -35.48
N GLU B 141 9.49 -9.01 -36.32
CA GLU B 141 9.85 -10.32 -36.83
C GLU B 141 9.60 -10.47 -38.33
N ARG B 142 10.53 -11.18 -38.97
CA ARG B 142 10.60 -11.41 -40.42
C ARG B 142 10.73 -12.91 -40.70
N LYS B 143 10.23 -13.74 -39.78
CA LYS B 143 10.16 -15.20 -39.86
C LYS B 143 8.76 -15.71 -40.07
N PHE B 144 7.80 -15.06 -39.42
CA PHE B 144 6.39 -15.28 -39.68
C PHE B 144 5.97 -13.96 -40.30
N GLY B 145 5.61 -14.03 -41.57
CA GLY B 145 5.14 -12.83 -42.23
C GLY B 145 3.67 -12.67 -41.97
N VAL B 146 3.36 -11.89 -40.96
CA VAL B 146 1.99 -11.66 -40.54
C VAL B 146 1.56 -10.33 -41.14
N LYS B 147 0.64 -10.37 -42.10
CA LYS B 147 0.09 -9.13 -42.66
C LYS B 147 -1.42 -9.29 -42.66
N ASN B 148 -1.98 -9.30 -41.45
CA ASN B 148 -3.43 -9.23 -41.24
C ASN B 148 -3.86 -7.79 -41.42
N ASN B 149 -5.10 -7.60 -41.84
CA ASN B 149 -5.65 -6.26 -41.78
C ASN B 149 -5.76 -5.86 -40.31
N ILE B 150 -5.35 -4.63 -39.99
CA ILE B 150 -5.33 -4.13 -38.63
C ILE B 150 -6.26 -2.93 -38.55
N VAL B 151 -7.29 -3.04 -37.72
CA VAL B 151 -8.36 -2.05 -37.62
C VAL B 151 -8.33 -1.43 -36.23
N ALA B 152 -8.31 -0.12 -36.18
CA ALA B 152 -8.40 0.64 -34.94
C ALA B 152 -9.87 0.89 -34.66
N LEU B 153 -10.33 0.45 -33.49
CA LEU B 153 -11.71 0.69 -33.07
C LEU B 153 -11.60 1.44 -31.75
N LYS B 154 -12.16 2.65 -31.67
CA LYS B 154 -11.95 3.47 -30.48
C LYS B 154 -12.97 3.01 -29.42
N ALA B 155 -12.70 3.34 -28.14
CA ALA B 155 -13.66 3.01 -27.08
C ALA B 155 -14.96 3.77 -27.27
N GLY B 156 -16.08 3.07 -27.06
CA GLY B 156 -17.38 3.66 -27.30
C GLY B 156 -17.87 3.52 -28.72
N GLU B 157 -17.10 2.85 -29.58
CA GLU B 157 -17.47 2.61 -30.95
C GLU B 157 -17.87 1.17 -31.13
N THR B 158 -18.67 0.93 -32.16
CA THR B 158 -19.13 -0.41 -32.51
C THR B 158 -18.73 -0.74 -33.93
N LEU B 159 -18.56 -2.04 -34.19
CA LEU B 159 -18.21 -2.51 -35.53
C LEU B 159 -18.97 -3.82 -35.77
N GLU B 160 -19.74 -3.86 -36.85
CA GLU B 160 -20.56 -5.03 -37.15
C GLU B 160 -19.72 -6.01 -37.96
N ILE B 161 -19.42 -7.17 -37.37
CA ILE B 161 -18.54 -8.11 -38.06
C ILE B 161 -19.36 -9.09 -38.87
N THR B 162 -20.52 -9.49 -38.37
CA THR B 162 -21.45 -10.33 -39.09
C THR B 162 -22.83 -9.72 -38.90
N LYS B 163 -23.75 -10.06 -39.81
CA LYS B 163 -25.14 -9.66 -39.68
C LYS B 163 -25.70 -9.95 -38.29
N ASP B 164 -25.19 -10.98 -37.63
CA ASP B 164 -25.65 -11.37 -36.31
C ASP B 164 -24.70 -11.02 -35.18
N ILE B 165 -23.50 -10.52 -35.50
CA ILE B 165 -22.47 -10.28 -34.49
C ILE B 165 -21.98 -8.85 -34.62
N THR B 166 -22.00 -8.11 -33.52
CA THR B 166 -21.33 -6.82 -33.48
C THR B 166 -20.38 -6.79 -32.31
N ILE B 167 -19.36 -5.94 -32.42
CA ILE B 167 -18.29 -5.83 -31.44
C ILE B 167 -18.31 -4.42 -30.90
N GLU B 168 -18.35 -4.28 -29.58
CA GLU B 168 -18.38 -2.98 -28.94
C GLU B 168 -17.23 -2.88 -27.94
N PHE B 169 -16.51 -1.76 -28.00
CA PHE B 169 -15.44 -1.48 -27.05
C PHE B 169 -16.00 -0.56 -25.97
N ILE B 170 -15.74 -0.90 -24.71
CA ILE B 170 -16.13 -0.10 -23.55
C ILE B 170 -14.87 0.43 -22.88
N ASN B 171 -14.84 1.71 -22.58
CA ASN B 171 -13.66 2.29 -21.98
C ASN B 171 -13.51 1.76 -20.55
N THR B 172 -12.28 1.37 -20.20
CA THR B 172 -11.95 0.96 -18.84
C THR B 172 -10.59 1.49 -18.48
N GLN B 173 -10.14 1.18 -17.27
CA GLN B 173 -8.82 1.59 -16.78
C GLN B 173 -7.95 0.36 -16.54
N HIS B 174 -6.64 0.58 -16.70
CA HIS B 174 -5.63 -0.46 -16.54
C HIS B 174 -4.28 0.25 -16.51
N SER B 175 -3.23 -0.53 -16.24
CA SER B 175 -1.87 -0.02 -16.16
C SER B 175 -1.30 0.37 -17.54
N ILE B 176 -2.06 0.21 -18.60
CA ILE B 176 -1.71 0.71 -19.92
C ILE B 176 -2.92 1.44 -20.48
N ILE B 177 -2.66 2.50 -21.25
CA ILE B 177 -3.75 3.31 -21.79
C ILE B 177 -4.51 2.54 -22.87
N ASP B 178 -5.75 2.97 -23.09
CA ASP B 178 -6.60 2.45 -24.16
C ASP B 178 -6.91 0.98 -23.98
N THR B 179 -7.15 0.58 -22.74
CA THR B 179 -7.72 -0.73 -22.46
C THR B 179 -9.23 -0.65 -22.56
N VAL B 180 -9.86 -1.74 -23.01
CA VAL B 180 -11.30 -1.77 -23.21
C VAL B 180 -11.87 -3.11 -22.75
N PHE B 181 -13.12 -3.05 -22.27
CA PHE B 181 -13.99 -4.22 -22.26
C PHE B 181 -14.46 -4.51 -23.68
N VAL B 182 -14.68 -5.78 -23.98
CA VAL B 182 -15.25 -6.17 -25.26
C VAL B 182 -16.63 -6.76 -25.03
N ALA B 183 -17.63 -6.23 -25.72
CA ALA B 183 -18.97 -6.79 -25.71
C ALA B 183 -19.29 -7.32 -27.10
N ILE B 184 -19.57 -8.62 -27.19
CA ILE B 184 -19.97 -9.26 -28.43
C ILE B 184 -21.50 -9.40 -28.39
N HIS B 185 -22.18 -8.64 -29.24
CA HIS B 185 -23.63 -8.68 -29.32
C HIS B 185 -24.09 -9.70 -30.35
N THR B 186 -24.98 -10.59 -29.91
CA THR B 186 -25.50 -11.76 -30.59
C THR B 186 -27.02 -11.72 -30.55
N PRO B 187 -27.70 -12.43 -31.45
CA PRO B 187 -29.17 -12.48 -31.41
C PRO B 187 -29.76 -12.75 -30.04
N SER B 188 -29.02 -13.42 -29.13
CA SER B 188 -29.55 -13.79 -27.83
C SER B 188 -28.93 -12.99 -26.69
N GLY B 189 -28.16 -11.94 -26.97
CA GLY B 189 -27.63 -11.17 -25.86
C GLY B 189 -26.16 -10.87 -26.07
N ALA B 190 -25.50 -10.46 -24.99
CA ALA B 190 -24.13 -10.00 -25.05
C ALA B 190 -23.20 -10.95 -24.31
N VAL B 191 -22.03 -11.21 -24.90
CA VAL B 191 -20.94 -11.90 -24.24
C VAL B 191 -19.89 -10.84 -23.91
N VAL B 192 -19.59 -10.66 -22.63
CA VAL B 192 -18.69 -9.61 -22.18
C VAL B 192 -17.38 -10.23 -21.75
N TYR B 193 -16.28 -9.69 -22.26
CA TYR B 193 -14.92 -10.10 -21.94
C TYR B 193 -14.25 -8.91 -21.24
N ALA B 194 -13.83 -9.15 -19.99
CA ALA B 194 -13.25 -8.14 -19.11
C ALA B 194 -12.00 -8.73 -18.47
N CYS B 195 -10.87 -8.67 -19.17
CA CYS B 195 -9.62 -9.19 -18.65
C CYS B 195 -8.53 -8.13 -18.74
N ASP B 196 -7.81 -7.96 -17.63
CA ASP B 196 -6.95 -6.80 -17.36
C ASP B 196 -7.77 -5.51 -17.38
N PHE B 197 -8.62 -5.39 -16.36
CA PHE B 197 -9.34 -4.16 -16.12
C PHE B 197 -9.16 -3.75 -14.67
N LYS B 198 -9.57 -2.52 -14.40
CA LYS B 198 -9.53 -1.97 -13.06
C LYS B 198 -10.48 -0.79 -13.01
N PHE B 199 -11.37 -0.77 -12.03
CA PHE B 199 -12.16 0.42 -11.79
C PHE B 199 -11.26 1.49 -11.18
N ASP B 200 -11.32 2.70 -11.74
CA ASP B 200 -10.52 3.80 -11.22
C ASP B 200 -11.35 5.07 -11.43
N ARG B 201 -11.92 5.56 -10.33
CA ARG B 201 -12.76 6.73 -10.40
C ARG B 201 -11.95 8.02 -10.56
N THR B 202 -10.64 7.96 -10.33
CA THR B 202 -9.76 9.12 -10.45
C THR B 202 -8.50 8.71 -11.20
N PRO B 203 -8.62 8.40 -12.48
CA PRO B 203 -7.43 8.10 -13.26
C PRO B 203 -6.70 9.38 -13.63
N THR B 204 -5.39 9.28 -13.76
CA THR B 204 -4.60 10.44 -14.14
C THR B 204 -4.56 10.64 -15.66
N LEU B 205 -5.04 9.67 -16.42
CA LEU B 205 -5.07 9.73 -17.88
C LEU B 205 -6.30 8.97 -18.38
N GLY B 206 -6.95 9.51 -19.40
CA GLY B 206 -8.16 8.91 -19.92
C GLY B 206 -9.38 9.31 -19.09
N GLU B 207 -10.49 8.64 -19.37
CA GLU B 207 -11.74 8.90 -18.67
C GLU B 207 -12.10 7.73 -17.76
N VAL B 208 -12.99 8.00 -16.82
CA VAL B 208 -13.43 6.97 -15.87
C VAL B 208 -14.23 5.91 -16.60
N PRO B 209 -14.00 4.62 -16.31
CA PRO B 209 -14.73 3.55 -17.01
C PRO B 209 -16.24 3.80 -17.06
N ASP B 210 -16.85 3.26 -18.11
CA ASP B 210 -18.24 3.55 -18.47
C ASP B 210 -19.18 2.69 -17.62
N PHE B 211 -19.39 3.13 -16.38
CA PHE B 211 -20.32 2.41 -15.50
C PHE B 211 -21.74 2.46 -16.04
N ASP B 212 -22.11 3.59 -16.65
CA ASP B 212 -23.47 3.72 -17.19
C ASP B 212 -23.73 2.68 -18.26
N ARG B 213 -22.81 2.54 -19.21
CA ARG B 213 -22.99 1.53 -20.24
C ARG B 213 -22.95 0.13 -19.66
N LEU B 214 -22.17 -0.09 -18.60
CA LEU B 214 -22.14 -1.40 -17.97
C LEU B 214 -23.51 -1.76 -17.38
N LYS B 215 -24.15 -0.80 -16.70
CA LYS B 215 -25.50 -1.04 -16.21
C LYS B 215 -26.47 -1.26 -17.36
N GLU B 216 -26.33 -0.48 -18.44
CA GLU B 216 -27.19 -0.65 -19.60
C GLU B 216 -27.06 -2.05 -20.19
N LEU B 217 -25.83 -2.54 -20.32
CA LEU B 217 -25.59 -3.88 -20.83
C LEU B 217 -26.20 -4.92 -19.91
N GLY B 218 -25.99 -4.77 -18.60
CA GLY B 218 -26.59 -5.69 -17.65
C GLY B 218 -28.10 -5.76 -17.79
N LYS B 219 -28.72 -4.62 -18.12
CA LYS B 219 -30.17 -4.62 -18.26
C LYS B 219 -30.61 -5.14 -19.63
N GLU B 220 -29.79 -4.96 -20.66
CA GLU B 220 -30.13 -5.46 -21.99
C GLU B 220 -29.96 -6.97 -22.11
N GLY B 221 -29.08 -7.55 -21.29
CA GLY B 221 -28.91 -8.99 -21.29
C GLY B 221 -27.49 -9.44 -21.59
N VAL B 222 -26.85 -10.04 -20.60
CA VAL B 222 -25.52 -10.60 -20.74
C VAL B 222 -25.62 -12.10 -20.51
N ILE B 223 -25.34 -12.88 -21.57
CA ILE B 223 -25.34 -14.32 -21.47
C ILE B 223 -24.17 -14.82 -20.62
N ALA B 224 -23.00 -14.21 -20.80
CA ALA B 224 -21.79 -14.72 -20.18
C ALA B 224 -20.81 -13.58 -19.96
N LEU B 225 -20.13 -13.62 -18.83
CA LEU B 225 -19.04 -12.71 -18.51
C LEU B 225 -17.76 -13.51 -18.38
N ILE B 226 -16.77 -13.19 -19.20
CA ILE B 226 -15.42 -13.73 -19.05
C ILE B 226 -14.56 -12.64 -18.43
N THR B 227 -13.97 -12.93 -17.28
CA THR B 227 -13.30 -11.89 -16.51
C THR B 227 -12.05 -12.46 -15.86
N GLU B 228 -11.07 -11.59 -15.66
CA GLU B 228 -9.81 -12.00 -15.05
C GLU B 228 -9.99 -12.33 -13.56
N SER B 229 -9.19 -13.27 -13.08
CA SER B 229 -9.23 -13.70 -11.69
C SER B 229 -7.98 -13.28 -10.92
N THR B 230 -7.15 -12.43 -11.53
CA THR B 230 -5.77 -12.26 -11.09
C THR B 230 -5.68 -11.78 -9.65
N ASN B 231 -6.46 -10.76 -9.30
CA ASN B 231 -6.44 -10.20 -7.94
C ASN B 231 -7.78 -10.37 -7.24
N ALA B 232 -8.61 -11.32 -7.69
CA ALA B 232 -9.91 -11.54 -7.07
C ALA B 232 -9.76 -11.98 -5.62
N GLY B 233 -8.58 -12.44 -5.23
CA GLY B 233 -8.29 -12.83 -3.86
C GLY B 233 -7.76 -11.73 -2.98
N ARG B 234 -7.54 -10.53 -3.51
CA ARG B 234 -7.12 -9.39 -2.69
C ARG B 234 -8.38 -8.67 -2.20
N ASN B 235 -8.51 -8.52 -0.88
CA ASN B 235 -9.73 -7.98 -0.32
C ASN B 235 -9.88 -6.50 -0.65
N GLY B 236 -11.13 -6.05 -0.70
CA GLY B 236 -11.41 -4.65 -0.92
C GLY B 236 -11.44 -4.27 -2.39
N LYS B 237 -11.00 -3.04 -2.66
CA LYS B 237 -10.97 -2.48 -4.00
C LYS B 237 -9.57 -1.98 -4.35
N THR B 238 -9.25 -2.01 -5.63
CA THR B 238 -7.93 -1.59 -6.07
C THR B 238 -7.72 -0.11 -5.75
N PRO B 239 -6.58 0.26 -5.16
CA PRO B 239 -6.26 1.69 -5.05
C PRO B 239 -6.13 2.33 -6.42
N SER B 240 -6.55 3.59 -6.51
CA SER B 240 -6.52 4.34 -7.75
C SER B 240 -5.09 4.66 -8.17
N GLU B 241 -4.92 4.92 -9.48
CA GLU B 241 -3.64 5.40 -9.96
C GLU B 241 -3.24 6.71 -9.31
N LEU B 242 -4.22 7.48 -8.85
CA LEU B 242 -3.94 8.71 -8.13
C LEU B 242 -3.09 8.45 -6.89
N ILE B 243 -3.26 7.28 -6.27
CA ILE B 243 -2.47 6.93 -5.11
C ILE B 243 -0.99 6.78 -5.49
N ALA B 244 -0.72 6.09 -6.60
CA ALA B 244 0.64 5.99 -7.09
C ALA B 244 1.20 7.35 -7.45
N HIS B 245 0.40 8.18 -8.12
CA HIS B 245 0.81 9.54 -8.46
C HIS B 245 1.24 10.32 -7.21
N MET B 246 0.45 10.27 -6.15
CA MET B 246 0.75 11.07 -4.96
C MET B 246 1.93 10.50 -4.18
N MET B 247 2.04 9.17 -4.11
CA MET B 247 3.21 8.57 -3.46
C MET B 247 4.48 8.94 -4.21
N LEU B 248 4.42 8.92 -5.54
CA LEU B 248 5.57 9.31 -6.36
C LEU B 248 5.92 10.77 -6.14
N LYS B 249 4.89 11.63 -6.07
CA LYS B 249 5.13 13.03 -5.80
C LYS B 249 5.86 13.21 -4.47
N ASP B 250 5.46 12.44 -3.45
CA ASP B 250 6.08 12.60 -2.15
C ASP B 250 7.51 12.10 -2.14
N VAL B 251 7.77 10.98 -2.81
CA VAL B 251 9.13 10.46 -2.89
C VAL B 251 10.04 11.44 -3.62
N LEU B 252 9.56 12.05 -4.71
CA LEU B 252 10.41 12.90 -5.52
C LEU B 252 10.59 14.29 -4.93
N LEU B 253 9.54 14.88 -4.37
CA LEU B 253 9.59 16.27 -3.91
C LEU B 253 9.74 16.41 -2.41
N GLY B 254 9.13 15.53 -1.63
CA GLY B 254 9.18 15.63 -0.18
C GLY B 254 10.45 15.05 0.40
N THR B 255 11.56 15.79 0.29
CA THR B 255 12.84 15.30 0.78
C THR B 255 13.73 16.48 1.11
N GLU B 256 14.58 16.31 2.13
CA GLU B 256 15.59 17.30 2.47
C GLU B 256 16.86 17.15 1.65
N GLU B 257 16.89 16.23 0.69
CA GLU B 257 18.08 15.97 -0.11
C GLU B 257 17.75 16.26 -1.57
N SER B 258 17.13 17.42 -1.81
CA SER B 258 16.87 17.95 -3.15
C SER B 258 17.99 17.66 -4.16
N ALA B 259 19.22 18.08 -3.83
CA ALA B 259 20.30 18.14 -4.81
C ALA B 259 21.05 16.82 -4.96
N VAL B 260 20.44 15.70 -4.63
CA VAL B 260 21.07 14.40 -4.76
C VAL B 260 20.64 13.78 -6.09
N GLY B 261 21.37 12.75 -6.52
CA GLY B 261 21.03 12.05 -7.74
C GLY B 261 19.77 11.22 -7.56
N MET B 262 18.88 11.28 -8.55
CA MET B 262 17.63 10.55 -8.53
C MET B 262 17.39 9.89 -9.88
N ILE B 263 17.00 8.62 -9.86
CA ILE B 263 16.64 7.88 -11.07
C ILE B 263 15.26 7.27 -10.84
N VAL B 264 14.38 7.39 -11.84
CA VAL B 264 13.08 6.74 -11.82
C VAL B 264 13.06 5.68 -12.91
N THR B 265 12.63 4.48 -12.57
CA THR B 265 12.38 3.45 -13.56
C THR B 265 10.96 2.93 -13.40
N THR B 266 10.29 2.71 -14.52
CA THR B 266 8.93 2.20 -14.52
C THR B 266 8.67 1.53 -15.85
N PHE B 267 7.51 0.89 -15.96
CA PHE B 267 7.10 0.31 -17.23
C PHE B 267 7.01 1.41 -18.28
N ALA B 268 7.62 1.16 -19.44
CA ALA B 268 7.59 2.16 -20.50
C ALA B 268 6.19 2.34 -21.06
N ALA B 269 5.36 1.29 -21.01
CA ALA B 269 3.98 1.38 -21.46
C ALA B 269 3.04 2.00 -20.42
N HIS B 270 3.48 2.17 -19.18
CA HIS B 270 2.64 2.80 -18.17
C HIS B 270 2.69 4.30 -18.42
N ILE B 271 1.91 4.73 -19.41
CA ILE B 271 1.97 6.09 -19.91
C ILE B 271 1.48 7.08 -18.86
N ALA B 272 0.48 6.70 -18.07
CA ALA B 272 -0.01 7.58 -17.00
C ALA B 272 1.09 7.84 -15.98
N ARG B 273 1.78 6.79 -15.55
CA ARG B 273 2.87 6.93 -14.59
C ARG B 273 3.99 7.79 -15.14
N VAL B 274 4.41 7.54 -16.40
CA VAL B 274 5.47 8.32 -17.03
C VAL B 274 5.08 9.79 -17.12
N ASN B 275 3.82 10.05 -17.50
CA ASN B 275 3.33 11.42 -17.58
C ASN B 275 3.44 12.12 -16.22
N SER B 276 2.99 11.44 -15.16
CA SER B 276 3.15 11.98 -13.81
C SER B 276 4.61 12.31 -13.52
N ILE B 277 5.52 11.40 -13.89
CA ILE B 277 6.92 11.57 -13.56
C ILE B 277 7.50 12.80 -14.26
N VAL B 278 7.16 12.99 -15.54
CA VAL B 278 7.75 14.14 -16.24
C VAL B 278 7.17 15.45 -15.71
N GLN B 279 5.89 15.44 -15.32
CA GLN B 279 5.34 16.67 -14.73
C GLN B 279 6.01 16.97 -13.39
N PHE B 280 6.31 15.93 -12.61
CA PHE B 280 7.05 16.15 -11.37
C PHE B 280 8.44 16.70 -11.66
N ALA B 281 9.09 16.18 -12.70
CA ALA B 281 10.38 16.72 -13.11
C ALA B 281 10.28 18.23 -13.32
N GLN B 282 9.22 18.67 -13.99
CA GLN B 282 9.05 20.11 -14.16
C GLN B 282 8.86 20.80 -12.80
N GLU B 283 8.19 20.13 -11.87
CA GLU B 283 8.02 20.73 -10.54
C GLU B 283 9.34 20.79 -9.77
N MET B 284 10.22 19.80 -9.92
CA MET B 284 11.48 19.77 -9.19
C MET B 284 12.53 20.71 -9.75
N GLY B 285 12.26 21.37 -10.87
CA GLY B 285 13.29 22.15 -11.53
C GLY B 285 14.38 21.30 -12.15
N ARG B 286 14.05 20.08 -12.57
CA ARG B 286 14.96 19.19 -13.26
C ARG B 286 14.46 18.95 -14.68
N ILE B 287 15.36 18.55 -15.56
CA ILE B 287 15.02 18.22 -16.94
C ILE B 287 14.66 16.75 -17.02
N PRO B 288 13.48 16.39 -17.52
CA PRO B 288 13.15 14.96 -17.67
C PRO B 288 13.87 14.36 -18.87
N VAL B 289 14.56 13.24 -18.64
CA VAL B 289 15.33 12.56 -19.67
C VAL B 289 14.87 11.11 -19.73
N LEU B 290 14.14 10.76 -20.77
CA LEU B 290 13.67 9.40 -20.98
C LEU B 290 14.76 8.62 -21.70
N LEU B 291 15.17 7.50 -21.11
CA LEU B 291 16.27 6.70 -21.59
C LEU B 291 15.83 5.26 -21.78
N GLY B 292 16.17 4.69 -22.94
CA GLY B 292 15.80 3.32 -23.24
C GLY B 292 15.03 3.21 -24.53
N ARG B 293 15.32 2.19 -25.33
CA ARG B 293 14.59 2.00 -26.58
C ARG B 293 13.09 1.89 -26.34
N SER B 294 12.69 1.07 -25.35
CA SER B 294 11.27 0.90 -25.10
C SER B 294 10.64 2.22 -24.62
N MET B 295 11.37 2.98 -23.82
CA MET B 295 10.87 4.28 -23.39
C MET B 295 10.59 5.17 -24.60
N GLU B 296 11.58 5.32 -25.47
CA GLU B 296 11.40 6.17 -26.65
C GLU B 296 10.24 5.67 -27.49
N ARG B 297 10.20 4.37 -27.77
CA ARG B 297 9.15 3.80 -28.60
C ARG B 297 7.76 4.07 -28.03
N TYR B 298 7.51 3.61 -26.79
CA TYR B 298 6.16 3.66 -26.23
C TYR B 298 5.73 5.09 -25.95
N VAL B 299 6.59 5.88 -25.30
CA VAL B 299 6.20 7.24 -24.98
C VAL B 299 6.06 8.08 -26.24
N GLY B 300 6.93 7.88 -27.23
CA GLY B 300 6.80 8.62 -28.47
C GLY B 300 5.55 8.24 -29.24
N THR B 301 5.19 6.95 -29.24
CA THR B 301 3.95 6.54 -29.87
C THR B 301 2.76 7.19 -29.19
N ALA B 302 2.75 7.18 -27.86
CA ALA B 302 1.67 7.84 -27.13
C ALA B 302 1.61 9.32 -27.47
N TYR B 303 2.76 9.97 -27.58
CA TYR B 303 2.80 11.40 -27.84
C TYR B 303 2.32 11.71 -29.26
N GLN B 304 2.63 10.83 -30.22
CA GLN B 304 2.26 11.10 -31.61
C GLN B 304 0.80 10.78 -31.87
N LEU B 305 0.13 10.11 -30.93
CA LEU B 305 -1.29 9.85 -31.03
C LEU B 305 -2.12 10.76 -30.14
N GLY B 306 -1.49 11.76 -29.52
CA GLY B 306 -2.21 12.70 -28.70
C GLY B 306 -2.67 12.16 -27.37
N TYR B 307 -2.05 11.10 -26.87
CA TYR B 307 -2.43 10.52 -25.59
C TYR B 307 -1.78 11.21 -24.40
N ILE B 308 -0.60 11.79 -24.61
CA ILE B 308 0.08 12.54 -23.58
C ILE B 308 0.53 13.86 -24.17
N ASP B 309 0.89 14.75 -23.25
CA ASP B 309 1.50 16.00 -23.58
C ASP B 309 2.94 15.95 -23.05
N LEU B 310 3.83 16.78 -23.57
CA LEU B 310 5.21 16.66 -23.14
C LEU B 310 5.80 18.05 -23.04
N PRO B 311 6.58 18.33 -22.00
CA PRO B 311 7.22 19.63 -21.91
C PRO B 311 8.25 19.76 -23.00
N GLU B 312 8.48 20.99 -23.46
CA GLU B 312 9.38 21.14 -24.58
C GLU B 312 10.85 21.10 -24.18
N ASN B 313 11.14 20.92 -22.89
CA ASN B 313 12.50 20.67 -22.45
C ASN B 313 12.79 19.20 -22.24
N VAL B 314 11.82 18.32 -22.53
CA VAL B 314 12.02 16.89 -22.37
C VAL B 314 13.08 16.40 -23.34
N GLU B 315 13.85 15.42 -22.92
CA GLU B 315 14.85 14.80 -23.78
C GLU B 315 14.59 13.30 -23.80
N ILE B 316 14.70 12.69 -24.97
CA ILE B 316 14.32 11.29 -25.17
C ILE B 316 15.37 10.63 -26.05
N TYR B 317 15.98 9.55 -25.55
CA TYR B 317 17.05 8.86 -26.27
C TYR B 317 16.87 7.36 -26.16
N GLY B 318 16.77 6.69 -27.31
CA GLY B 318 16.65 5.24 -27.35
C GLY B 318 17.87 4.52 -27.87
N SER B 319 18.85 5.26 -28.40
CA SER B 319 20.02 4.63 -28.99
C SER B 319 21.16 4.53 -27.98
N ARG B 320 21.94 3.45 -28.09
CA ARG B 320 22.94 3.15 -27.06
C ARG B 320 23.90 4.32 -26.86
N ARG B 321 24.31 4.97 -27.94
CA ARG B 321 25.31 6.01 -27.78
C ARG B 321 24.70 7.36 -27.47
N ASP B 322 23.48 7.64 -27.94
CA ASP B 322 22.77 8.81 -27.44
C ASP B 322 22.51 8.68 -25.94
N ILE B 323 22.22 7.46 -25.47
CA ILE B 323 21.99 7.24 -24.04
C ILE B 323 23.27 7.43 -23.26
N ASP B 324 24.37 6.83 -23.72
CA ASP B 324 25.63 6.98 -23.03
C ASP B 324 26.09 8.44 -23.04
N ASN B 325 25.82 9.15 -24.14
CA ASN B 325 26.16 10.57 -24.21
C ASN B 325 25.32 11.40 -23.26
N ALA B 326 24.02 11.12 -23.19
CA ALA B 326 23.15 11.83 -22.26
C ALA B 326 23.60 11.59 -20.83
N LEU B 327 24.02 10.36 -20.52
CA LEU B 327 24.48 10.06 -19.17
C LEU B 327 25.78 10.79 -18.87
N LYS B 328 26.69 10.86 -19.84
CA LYS B 328 27.91 11.62 -19.64
C LYS B 328 27.60 13.10 -19.41
N LYS B 329 26.66 13.64 -20.18
CA LYS B 329 26.27 15.04 -19.99
C LYS B 329 25.66 15.26 -18.61
N ILE B 330 24.83 14.33 -18.17
CA ILE B 330 24.21 14.43 -16.84
C ILE B 330 25.28 14.42 -15.75
N MET B 331 26.29 13.56 -15.91
CA MET B 331 27.29 13.42 -14.86
C MET B 331 28.13 14.68 -14.71
N GLU B 332 28.49 15.32 -15.82
CA GLU B 332 29.32 16.51 -15.74
C GLU B 332 28.52 17.79 -15.53
N ALA B 333 27.22 17.77 -15.83
CA ALA B 333 26.37 18.91 -15.52
C ALA B 333 25.85 18.89 -14.10
N GLY B 334 25.79 17.71 -13.48
CA GLY B 334 25.25 17.58 -12.14
C GLY B 334 23.96 16.78 -12.12
N LYS B 335 23.97 15.63 -11.44
CA LYS B 335 22.78 14.77 -11.40
C LYS B 335 21.57 15.49 -10.82
N ASP B 336 21.79 16.56 -10.04
CA ASP B 336 20.72 17.36 -9.48
C ASP B 336 19.96 18.14 -10.56
N LYS B 337 20.46 18.13 -11.79
CA LYS B 337 19.89 18.92 -12.88
C LYS B 337 18.99 18.11 -13.79
N TYR B 338 18.89 16.80 -13.59
CA TYR B 338 18.07 15.98 -14.45
C TYR B 338 17.27 14.98 -13.62
N LEU B 339 16.22 14.46 -14.25
CA LEU B 339 15.45 13.33 -13.73
C LEU B 339 15.46 12.28 -14.82
N PRO B 340 16.38 11.31 -14.76
CA PRO B 340 16.37 10.21 -15.74
C PRO B 340 15.26 9.21 -15.45
N VAL B 341 14.39 9.01 -16.43
CA VAL B 341 13.34 7.99 -16.41
C VAL B 341 13.77 6.93 -17.40
N MET B 342 14.10 5.74 -16.90
CA MET B 342 14.79 4.76 -17.73
C MET B 342 14.19 3.37 -17.58
N THR B 343 14.54 2.51 -18.53
CA THR B 343 14.21 1.09 -18.50
C THR B 343 15.07 0.35 -17.48
N GLY B 344 14.60 -0.83 -17.08
CA GLY B 344 15.39 -1.73 -16.27
C GLY B 344 14.85 -2.08 -14.90
N HIS B 345 13.56 -1.80 -14.66
CA HIS B 345 12.99 -2.00 -13.33
C HIS B 345 12.93 -3.47 -12.92
N GLN B 346 12.89 -4.41 -13.87
CA GLN B 346 12.94 -5.83 -13.56
C GLN B 346 14.36 -6.40 -13.69
N GLY B 347 15.36 -5.53 -13.73
CA GLY B 347 16.73 -5.99 -13.88
C GLY B 347 17.05 -6.63 -15.21
N GLU B 348 16.28 -6.31 -16.25
CA GLU B 348 16.51 -6.91 -17.55
C GLU B 348 17.93 -6.58 -18.03
N PRO B 349 18.70 -7.57 -18.46
CA PRO B 349 20.04 -7.27 -19.00
C PRO B 349 19.92 -6.51 -20.31
N GLY B 350 20.77 -5.50 -20.46
CA GLY B 350 20.71 -4.62 -21.61
C GLY B 350 19.90 -3.39 -21.38
N ALA B 351 18.98 -3.41 -20.41
CA ALA B 351 18.23 -2.21 -20.07
C ALA B 351 19.16 -1.20 -19.44
N VAL B 352 18.73 0.07 -19.45
CA VAL B 352 19.62 1.16 -19.07
C VAL B 352 20.08 1.01 -17.64
N LEU B 353 19.16 0.79 -16.71
CA LEU B 353 19.51 0.73 -15.30
C LEU B 353 20.47 -0.41 -15.00
N GLY B 354 20.30 -1.55 -15.69
CA GLY B 354 21.21 -2.66 -15.48
C GLY B 354 22.61 -2.39 -16.01
N ARG B 355 22.70 -1.71 -17.15
CA ARG B 355 24.03 -1.33 -17.63
C ARG B 355 24.67 -0.33 -16.67
N ILE B 356 23.87 0.58 -16.10
CA ILE B 356 24.40 1.50 -15.10
C ILE B 356 24.91 0.75 -13.88
N ALA B 357 24.13 -0.23 -13.41
CA ALA B 357 24.52 -0.99 -12.23
C ALA B 357 25.79 -1.79 -12.47
N ASN B 358 26.04 -2.19 -13.72
CA ASN B 358 27.25 -2.92 -14.06
C ASN B 358 28.45 -2.02 -14.35
N GLY B 359 28.28 -0.70 -14.24
CA GLY B 359 29.36 0.20 -14.52
C GLY B 359 29.74 0.30 -15.98
N GLU B 360 28.86 -0.10 -16.89
CA GLU B 360 29.11 -0.07 -18.33
C GLU B 360 28.70 1.26 -18.95
N THR B 361 28.75 2.34 -18.18
CA THR B 361 28.06 3.58 -18.47
C THR B 361 28.91 4.75 -17.98
N PRO B 362 28.78 5.91 -18.62
CA PRO B 362 29.39 7.13 -18.04
C PRO B 362 28.79 7.55 -16.71
N PHE B 363 27.55 7.14 -16.41
CA PHE B 363 26.90 7.47 -15.15
C PHE B 363 27.44 6.62 -14.01
N LYS B 364 27.81 7.27 -12.91
CA LYS B 364 28.37 6.58 -11.75
C LYS B 364 27.47 6.83 -10.54
N VAL B 365 26.91 5.75 -9.99
CA VAL B 365 26.04 5.87 -8.82
C VAL B 365 26.91 6.03 -7.58
N GLU B 366 26.56 6.99 -6.74
CA GLU B 366 27.30 7.30 -5.53
C GLU B 366 26.40 7.18 -4.31
N THR B 367 27.03 7.11 -3.14
CA THR B 367 26.30 7.02 -1.89
C THR B 367 25.22 8.09 -1.80
N GLY B 368 24.00 7.67 -1.49
CA GLY B 368 22.90 8.58 -1.30
C GLY B 368 22.07 8.85 -2.53
N ASP B 369 22.57 8.53 -3.72
CA ASP B 369 21.75 8.64 -4.92
C ASP B 369 20.49 7.79 -4.74
N ARG B 370 19.36 8.33 -5.17
CA ARG B 370 18.07 7.69 -4.95
C ARG B 370 17.60 7.03 -6.24
N ILE B 371 17.21 5.76 -6.14
CA ILE B 371 16.71 4.98 -7.26
C ILE B 371 15.28 4.58 -6.92
N ILE B 372 14.33 5.06 -7.72
CA ILE B 372 12.91 4.88 -7.44
C ILE B 372 12.37 3.86 -8.43
N PHE B 373 12.01 2.69 -7.91
CA PHE B 373 11.32 1.66 -8.70
C PHE B 373 9.82 1.92 -8.60
N SER B 374 9.27 2.63 -9.58
CA SER B 374 7.82 2.83 -9.65
C SER B 374 7.18 1.62 -10.33
N ALA B 375 7.36 0.47 -9.69
CA ALA B 375 6.90 -0.81 -10.21
C ALA B 375 6.99 -1.82 -9.09
N ASN B 376 6.31 -2.95 -9.27
CA ASN B 376 6.50 -4.11 -8.42
C ASN B 376 7.48 -5.05 -9.08
N VAL B 377 8.00 -5.99 -8.30
CA VAL B 377 8.80 -7.08 -8.85
C VAL B 377 7.86 -8.19 -9.27
N ILE B 378 7.97 -8.61 -10.53
CA ILE B 378 7.07 -9.62 -11.10
C ILE B 378 7.28 -10.93 -10.35
N PRO B 379 6.22 -11.48 -9.74
CA PRO B 379 6.42 -12.63 -8.84
C PRO B 379 6.71 -13.92 -9.61
N ASN B 380 7.90 -14.01 -10.17
CA ASN B 380 8.39 -15.23 -10.75
C ASN B 380 9.87 -15.35 -10.40
N PRO B 381 10.38 -16.57 -10.17
CA PRO B 381 11.78 -16.71 -9.75
C PRO B 381 12.79 -16.11 -10.72
N MET B 382 12.50 -16.11 -12.01
CA MET B 382 13.46 -15.57 -12.99
C MET B 382 13.63 -14.07 -12.83
N THR B 383 12.54 -13.33 -12.95
CA THR B 383 12.58 -11.89 -12.75
C THR B 383 13.00 -11.54 -11.34
N GLN B 384 12.67 -12.38 -10.36
CA GLN B 384 13.13 -12.14 -9.00
C GLN B 384 14.64 -12.22 -8.90
N ALA B 385 15.26 -13.22 -9.54
CA ALA B 385 16.71 -13.30 -9.56
C ALA B 385 17.33 -12.08 -10.23
N ASN B 386 16.75 -11.65 -11.35
CA ASN B 386 17.32 -10.50 -12.05
C ASN B 386 17.23 -9.23 -11.20
N ARG B 387 16.07 -9.02 -10.57
CA ARG B 387 15.90 -7.85 -9.72
C ARG B 387 16.82 -7.90 -8.51
N TYR B 388 17.04 -9.10 -7.95
CA TYR B 388 17.95 -9.23 -6.82
C TYR B 388 19.36 -8.85 -7.21
N ALA B 389 19.83 -9.35 -8.37
CA ALA B 389 21.17 -9.02 -8.83
C ALA B 389 21.31 -7.51 -9.05
N LEU B 390 20.34 -6.91 -9.73
CA LEU B 390 20.38 -5.48 -10.00
C LEU B 390 20.39 -4.66 -8.71
N GLU B 391 19.50 -4.99 -7.78
CA GLU B 391 19.40 -4.25 -6.53
C GLU B 391 20.66 -4.41 -5.70
N THR B 392 21.23 -5.62 -5.64
CA THR B 392 22.48 -5.82 -4.94
C THR B 392 23.57 -4.93 -5.53
N LYS B 393 23.70 -4.90 -6.86
CA LYS B 393 24.72 -4.06 -7.48
C LYS B 393 24.51 -2.59 -7.16
N LEU B 394 23.27 -2.11 -7.24
CA LEU B 394 23.00 -0.70 -6.94
C LEU B 394 23.31 -0.38 -5.49
N LYS B 395 22.89 -1.25 -4.56
CA LYS B 395 23.13 -1.01 -3.16
C LYS B 395 24.62 -1.02 -2.83
N MET B 396 25.40 -1.86 -3.50
CA MET B 396 26.83 -1.89 -3.26
C MET B 396 27.51 -0.60 -3.69
N LYS B 397 26.89 0.18 -4.56
CA LYS B 397 27.44 1.48 -4.95
C LYS B 397 26.84 2.62 -4.14
N GLY B 398 26.14 2.32 -3.06
CA GLY B 398 25.65 3.35 -2.16
C GLY B 398 24.28 3.90 -2.46
N ALA B 399 23.54 3.30 -3.39
CA ALA B 399 22.24 3.81 -3.73
C ALA B 399 21.21 3.49 -2.65
N ARG B 400 20.23 4.37 -2.51
CA ARG B 400 19.06 4.15 -1.67
C ARG B 400 17.90 3.75 -2.56
N ILE B 401 17.19 2.69 -2.18
CA ILE B 401 16.19 2.05 -3.03
C ILE B 401 14.79 2.41 -2.53
N TYR B 402 13.97 2.99 -3.40
CA TYR B 402 12.54 3.21 -3.12
C TYR B 402 11.78 2.25 -4.02
N ASP B 403 11.27 1.18 -3.44
CA ASP B 403 10.62 0.10 -4.17
C ASP B 403 9.11 0.22 -4.08
N ASN B 404 8.44 -0.36 -5.07
CA ASN B 404 7.00 -0.58 -5.05
C ASN B 404 6.23 0.73 -4.87
N VAL B 405 6.72 1.81 -5.48
CA VAL B 405 5.96 3.05 -5.50
C VAL B 405 4.97 2.90 -6.64
N HIS B 406 3.83 2.28 -6.34
CA HIS B 406 3.10 1.58 -7.38
C HIS B 406 1.77 1.11 -6.81
N VAL B 407 0.77 1.00 -7.68
CA VAL B 407 -0.48 0.34 -7.34
C VAL B 407 -0.78 -0.68 -8.43
N SER B 408 -1.64 -1.63 -8.10
CA SER B 408 -1.93 -2.69 -9.05
C SER B 408 -2.81 -2.15 -10.18
N GLY B 409 -2.75 -2.84 -11.31
CA GLY B 409 -3.58 -2.53 -12.45
C GLY B 409 -4.77 -3.45 -12.60
N HIS B 410 -5.07 -4.27 -11.59
CA HIS B 410 -6.10 -5.28 -11.69
C HIS B 410 -7.17 -5.07 -10.62
N ALA B 411 -8.41 -5.38 -10.99
CA ALA B 411 -9.52 -5.29 -10.05
C ALA B 411 -9.30 -6.22 -8.86
N TYR B 412 -9.78 -5.78 -7.70
CA TYR B 412 -9.77 -6.60 -6.49
C TYR B 412 -11.13 -7.26 -6.31
N ARG B 413 -11.28 -7.98 -5.19
CA ARG B 413 -12.49 -8.77 -4.94
C ARG B 413 -13.76 -7.92 -5.01
N GLU B 414 -13.77 -6.78 -4.33
CA GLU B 414 -15.00 -5.98 -4.29
C GLU B 414 -15.26 -5.29 -5.63
N ASP B 415 -14.21 -5.01 -6.40
CA ASP B 415 -14.41 -4.53 -7.77
C ASP B 415 -15.13 -5.57 -8.62
N HIS B 416 -14.70 -6.84 -8.50
CA HIS B 416 -15.40 -7.92 -9.20
C HIS B 416 -16.83 -8.06 -8.73
N TRP B 417 -17.04 -7.90 -7.42
CA TRP B 417 -18.40 -7.91 -6.87
C TRP B 417 -19.26 -6.85 -7.56
N GLU B 418 -18.73 -5.63 -7.67
CA GLU B 418 -19.49 -4.56 -8.29
C GLU B 418 -19.71 -4.79 -9.77
N LEU B 419 -18.74 -5.42 -10.45
CA LEU B 419 -18.94 -5.69 -11.87
C LEU B 419 -20.00 -6.76 -12.08
N LEU B 420 -20.01 -7.78 -11.21
CA LEU B 420 -21.09 -8.75 -11.27
C LEU B 420 -22.45 -8.10 -11.03
N ARG B 421 -22.52 -7.17 -10.09
CA ARG B 421 -23.81 -6.54 -9.81
C ARG B 421 -24.24 -5.62 -10.96
N MET B 422 -23.30 -5.02 -11.67
CA MET B 422 -23.68 -4.14 -12.77
C MET B 422 -24.05 -4.92 -14.03
N LEU B 423 -23.26 -5.94 -14.38
CA LEU B 423 -23.46 -6.65 -15.64
C LEU B 423 -24.45 -7.80 -15.53
N LYS B 424 -24.73 -8.27 -14.32
CA LYS B 424 -25.75 -9.28 -14.05
C LYS B 424 -25.69 -10.42 -15.07
N PRO B 425 -24.52 -11.01 -15.32
CA PRO B 425 -24.42 -12.02 -16.37
C PRO B 425 -25.13 -13.31 -15.99
N GLU B 426 -25.70 -13.97 -17.00
CA GLU B 426 -26.28 -15.28 -16.75
C GLU B 426 -25.20 -16.28 -16.35
N HIS B 427 -24.05 -16.25 -17.03
CA HIS B 427 -22.94 -17.13 -16.72
C HIS B 427 -21.67 -16.32 -16.50
N VAL B 428 -20.79 -16.84 -15.64
CA VAL B 428 -19.52 -16.21 -15.34
C VAL B 428 -18.42 -17.25 -15.50
N ILE B 429 -17.33 -16.84 -16.13
CA ILE B 429 -16.19 -17.70 -16.42
C ILE B 429 -14.93 -16.97 -15.97
N PRO B 430 -14.27 -17.41 -14.90
CA PRO B 430 -12.99 -16.79 -14.55
C PRO B 430 -11.92 -17.15 -15.58
N ALA B 431 -11.12 -16.17 -15.94
CA ALA B 431 -10.05 -16.34 -16.92
C ALA B 431 -8.81 -15.66 -16.40
N HIS B 432 -7.72 -15.76 -17.16
CA HIS B 432 -6.52 -14.97 -16.93
C HIS B 432 -5.92 -15.26 -15.54
N GLY B 433 -5.64 -16.54 -15.30
CA GLY B 433 -4.93 -16.89 -14.09
C GLY B 433 -4.80 -18.38 -13.93
N THR B 434 -4.23 -18.76 -12.78
CA THR B 434 -4.16 -20.15 -12.36
C THR B 434 -5.50 -20.60 -11.78
N ILE B 435 -5.64 -21.92 -11.63
CA ILE B 435 -6.84 -22.48 -11.02
C ILE B 435 -7.00 -22.00 -9.58
N GLN B 436 -5.91 -21.58 -8.93
CA GLN B 436 -6.00 -21.04 -7.58
C GLN B 436 -6.67 -19.67 -7.57
N MET B 437 -6.27 -18.80 -8.51
CA MET B 437 -6.94 -17.51 -8.65
C MET B 437 -8.41 -17.73 -9.02
N HIS B 438 -8.68 -18.72 -9.86
CA HIS B 438 -10.06 -19.05 -10.20
C HIS B 438 -10.83 -19.52 -8.97
N SER B 439 -10.18 -20.27 -8.08
CA SER B 439 -10.81 -20.67 -6.83
C SER B 439 -11.29 -19.46 -6.04
N GLU B 440 -10.40 -18.48 -5.88
CA GLU B 440 -10.78 -17.25 -5.17
C GLU B 440 -11.97 -16.57 -5.87
N TYR B 441 -11.90 -16.44 -7.20
CA TYR B 441 -13.02 -15.84 -7.91
C TYR B 441 -14.31 -16.62 -7.67
N ILE B 442 -14.21 -17.95 -7.61
CA ILE B 442 -15.39 -18.79 -7.51
C ILE B 442 -16.06 -18.58 -6.17
N GLN B 443 -15.28 -18.34 -5.13
CA GLN B 443 -15.90 -18.13 -3.83
C GLN B 443 -16.55 -16.76 -3.76
N MET B 444 -15.95 -15.77 -4.42
CA MET B 444 -16.63 -14.49 -4.52
C MET B 444 -17.94 -14.60 -5.30
N ALA B 445 -17.92 -15.31 -6.43
CA ALA B 445 -19.11 -15.40 -7.26
C ALA B 445 -20.22 -16.19 -6.57
N GLU B 446 -19.86 -17.24 -5.82
CA GLU B 446 -20.87 -17.96 -5.04
C GLU B 446 -21.51 -17.03 -4.01
N ASP B 447 -20.71 -16.14 -3.40
CA ASP B 447 -21.33 -15.15 -2.51
C ASP B 447 -22.37 -14.31 -3.21
N ALA B 448 -22.25 -14.11 -4.51
CA ALA B 448 -23.16 -13.25 -5.25
C ALA B 448 -24.33 -14.03 -5.86
N GLY B 449 -24.42 -15.33 -5.62
CA GLY B 449 -25.55 -16.11 -6.08
C GLY B 449 -25.23 -17.13 -7.15
N TYR B 450 -24.03 -17.14 -7.72
CA TYR B 450 -23.73 -18.07 -8.79
C TYR B 450 -23.37 -19.46 -8.25
N SER B 451 -23.59 -20.47 -9.08
CA SER B 451 -23.40 -21.86 -8.68
C SER B 451 -22.48 -22.56 -9.68
N LEU B 452 -21.49 -23.28 -9.15
CA LEU B 452 -20.41 -23.83 -9.97
C LEU B 452 -20.93 -24.99 -10.82
N GLY B 453 -20.53 -25.01 -12.09
CA GLY B 453 -21.05 -26.01 -12.99
C GLY B 453 -22.47 -25.77 -13.44
N ASP B 454 -23.13 -24.72 -12.94
CA ASP B 454 -24.47 -24.37 -13.39
C ASP B 454 -24.47 -22.99 -14.04
N THR B 455 -24.08 -21.95 -13.33
CA THR B 455 -23.95 -20.61 -13.89
C THR B 455 -22.55 -20.04 -13.67
N LEU B 456 -21.66 -20.81 -13.06
CA LEU B 456 -20.29 -20.42 -12.80
C LEU B 456 -19.42 -21.57 -13.28
N HIS B 457 -18.46 -21.27 -14.15
CA HIS B 457 -17.82 -22.32 -14.95
C HIS B 457 -16.31 -22.22 -14.85
N LEU B 458 -15.68 -23.29 -14.40
CA LEU B 458 -14.23 -23.42 -14.30
C LEU B 458 -13.72 -24.17 -15.52
N LEU B 459 -13.02 -23.47 -16.41
CA LEU B 459 -12.46 -24.05 -17.62
C LEU B 459 -10.96 -24.23 -17.51
N ARG B 460 -10.45 -25.27 -18.16
CA ARG B 460 -9.03 -25.49 -18.38
C ARG B 460 -8.69 -25.18 -19.84
N ASN B 461 -7.39 -24.98 -20.10
CA ASN B 461 -6.92 -24.78 -21.47
C ASN B 461 -7.43 -25.89 -22.37
N GLY B 462 -8.06 -25.51 -23.48
CA GLY B 462 -8.51 -26.47 -24.48
C GLY B 462 -9.92 -26.93 -24.29
N GLU B 463 -10.68 -26.31 -23.38
CA GLU B 463 -12.04 -26.73 -23.09
C GLU B 463 -13.02 -25.72 -23.69
N GLU B 464 -14.14 -26.24 -24.18
CA GLU B 464 -15.21 -25.43 -24.72
C GLU B 464 -16.45 -25.59 -23.85
N LEU B 465 -16.99 -24.46 -23.39
CA LEU B 465 -18.27 -24.44 -22.71
C LEU B 465 -19.32 -24.05 -23.74
N TYR B 466 -20.33 -24.89 -23.89
CA TYR B 466 -21.41 -24.67 -24.83
C TYR B 466 -22.61 -24.11 -24.08
N ILE B 467 -23.19 -23.02 -24.58
CA ILE B 467 -24.35 -22.37 -23.98
C ILE B 467 -25.45 -22.30 -25.03
N GLU B 468 -26.56 -22.97 -24.78
CA GLU B 468 -27.70 -22.95 -25.70
C GLU B 468 -28.69 -21.92 -25.15
N GLU B 469 -28.66 -20.70 -25.69
CA GLU B 469 -29.53 -19.65 -25.20
C GLU B 469 -30.80 -19.58 -26.05
N ASP B 470 -31.95 -19.65 -25.38
CA ASP B 470 -33.26 -19.48 -25.99
C ASP B 470 -33.59 -17.99 -26.19
#